data_2WST
#
_entry.id   2WST
#
_cell.length_a   125.729
_cell.length_b   145.439
_cell.length_c   147.601
_cell.angle_alpha   90.00
_cell.angle_beta   90.00
_cell.angle_gamma   90.00
#
_symmetry.space_group_name_H-M   'P 21 21 21'
#
loop_
_entity.id
_entity.type
_entity.pdbx_description
1 polymer 'PUTATIVE FIBER PROTEIN'
2 water water
#
_entity_poly.entity_id   1
_entity_poly.type   'polypeptide(L)'
_entity_poly.pdbx_seq_one_letter_code
;MGSSHHHHHHSSGLVPRGSHMASMTGGQQGRILVYPTLWTGPAPEANVTFSGENSPSGILRLCLSRTGGTVIGTLSVQGS
LTNPSTGQTLGMNLYFDADGNVLSESNLVRGSWGMKDQDTLVTPIANGQYLMPNLTAYPRLIQTLTSSYIYTQAHLDHNN
SVVDIKIGLNTDLRPTAAYGLSFTMTFTNSPPTSFGTDLVQFGYLGQD
;
_entity_poly.pdbx_strand_id   A,B,C,D,E,F
#
# COMPACT_ATOMS: atom_id res chain seq x y z
N LEU A 33 27.22 11.27 28.86
CA LEU A 33 25.73 11.31 28.71
C LEU A 33 25.31 10.88 27.28
N VAL A 34 24.54 9.78 27.20
CA VAL A 34 23.96 9.28 25.94
C VAL A 34 22.42 9.23 26.08
N TYR A 35 21.72 9.83 25.12
CA TYR A 35 20.27 10.00 25.22
C TYR A 35 19.49 8.78 24.73
N PRO A 36 18.29 8.56 25.27
CA PRO A 36 17.48 7.46 24.80
C PRO A 36 16.79 7.82 23.50
N THR A 37 16.21 6.82 22.86
CA THR A 37 15.52 7.00 21.59
C THR A 37 14.06 6.59 21.75
N LEU A 38 13.16 7.49 21.35
CA LEU A 38 11.74 7.26 21.42
C LEU A 38 11.20 7.04 20.02
N TRP A 39 10.22 6.15 19.91
CA TRP A 39 9.71 5.76 18.60
C TRP A 39 8.44 4.93 18.72
N THR A 40 7.80 4.74 17.57
CA THR A 40 6.62 3.91 17.47
C THR A 40 7.00 2.46 17.21
N GLY A 41 8.30 2.19 17.17
CA GLY A 41 8.81 0.87 16.80
C GLY A 41 9.14 0.95 15.33
N PRO A 42 9.84 -0.05 14.82
CA PRO A 42 10.29 -0.03 13.44
C PRO A 42 9.21 -0.32 12.39
N ALA A 43 8.32 -1.26 12.68
CA ALA A 43 7.26 -1.62 11.74
C ALA A 43 5.93 -1.76 12.48
N PRO A 44 5.40 -0.63 12.99
CA PRO A 44 4.16 -0.65 13.77
C PRO A 44 2.97 -0.95 12.91
N GLU A 45 1.88 -1.38 13.56
CA GLU A 45 0.61 -1.61 12.88
C GLU A 45 -0.22 -0.32 12.93
N ALA A 46 -1.50 -0.39 12.57
CA ALA A 46 -2.37 0.77 12.66
C ALA A 46 -2.28 1.31 14.06
N ASN A 47 -1.89 2.58 14.19
CA ASN A 47 -1.69 3.16 15.51
C ASN A 47 -2.09 4.62 15.67
N VAL A 48 -2.77 5.22 14.68
CA VAL A 48 -3.33 6.57 14.86
C VAL A 48 -4.77 6.64 14.41
N THR A 49 -5.56 7.41 15.14
CA THR A 49 -6.95 7.67 14.79
C THR A 49 -7.00 9.09 14.28
N PHE A 50 -7.46 9.25 13.05
CA PHE A 50 -7.56 10.58 12.46
C PHE A 50 -8.81 11.28 12.97
N SER A 51 -8.77 12.60 12.97
CA SER A 51 -9.90 13.39 13.46
C SER A 51 -11.24 12.94 12.85
N GLY A 52 -12.21 12.71 13.73
CA GLY A 52 -13.57 12.33 13.32
C GLY A 52 -13.74 10.85 13.03
N GLU A 53 -12.72 10.06 13.34
CA GLU A 53 -12.71 8.65 12.98
C GLU A 53 -12.88 7.76 14.21
N ASN A 54 -13.54 6.63 14.00
CA ASN A 54 -14.02 5.75 15.07
C ASN A 54 -12.92 4.82 15.60
N SER A 55 -12.13 4.25 14.68
CA SER A 55 -11.03 3.34 14.99
C SER A 55 -9.75 3.86 14.37
N PRO A 56 -8.59 3.34 14.83
CA PRO A 56 -7.34 3.72 14.19
C PRO A 56 -7.25 3.18 12.76
N SER A 57 -7.01 4.07 11.80
CA SER A 57 -6.96 3.73 10.39
C SER A 57 -5.66 4.24 9.74
N GLY A 58 -4.69 4.65 10.55
CA GLY A 58 -3.46 5.21 10.05
C GLY A 58 -2.23 4.70 10.80
N ILE A 59 -1.12 4.61 10.08
CA ILE A 59 0.14 4.16 10.65
C ILE A 59 1.16 5.30 10.68
N LEU A 60 1.62 5.61 11.88
CA LEU A 60 2.61 6.64 12.07
C LEU A 60 3.90 5.96 12.44
N ARG A 61 4.93 6.21 11.62
CA ARG A 61 6.29 5.78 11.89
C ARG A 61 7.06 7.01 12.31
N LEU A 62 7.25 7.17 13.62
CA LEU A 62 7.95 8.31 14.17
C LEU A 62 9.13 7.81 15.01
N CYS A 63 10.21 8.58 15.00
CA CYS A 63 11.38 8.24 15.81
C CYS A 63 12.21 9.46 16.08
N LEU A 64 12.58 9.62 17.34
CA LEU A 64 13.33 10.78 17.80
C LEU A 64 14.62 10.30 18.45
N SER A 65 15.76 10.74 17.92
CA SER A 65 17.06 10.44 18.52
C SER A 65 17.70 11.76 18.79
N ARG A 66 18.85 11.75 19.44
CA ARG A 66 19.51 13.01 19.79
C ARG A 66 21.05 12.87 19.86
N THR A 67 21.76 13.93 19.44
CA THR A 67 23.11 14.21 19.91
C THR A 67 23.19 15.67 20.28
N GLY A 68 24.08 15.96 21.21
CA GLY A 68 24.26 17.31 21.66
C GLY A 68 22.91 17.91 21.98
N GLY A 69 22.67 19.10 21.44
CA GLY A 69 21.43 19.81 21.70
C GLY A 69 20.36 19.58 20.66
N THR A 70 20.70 18.86 19.59
CA THR A 70 19.81 18.67 18.45
C THR A 70 19.07 17.33 18.55
N VAL A 71 17.75 17.35 18.35
CA VAL A 71 16.94 16.12 18.21
C VAL A 71 16.65 15.85 16.73
N ILE A 72 16.87 14.62 16.26
CA ILE A 72 16.57 14.26 14.88
C ILE A 72 15.35 13.39 14.80
N GLY A 73 14.38 13.83 13.98
CA GLY A 73 13.14 13.10 13.74
C GLY A 73 13.10 12.42 12.38
N THR A 74 12.44 11.26 12.33
CA THR A 74 12.10 10.63 11.05
C THR A 74 10.62 10.26 11.08
N LEU A 75 9.94 10.61 10.00
CA LEU A 75 8.50 10.51 9.93
C LEU A 75 8.14 9.85 8.65
N SER A 76 7.13 9.00 8.71
CA SER A 76 6.52 8.46 7.53
C SER A 76 5.12 8.03 7.94
N VAL A 77 4.15 8.27 7.06
CA VAL A 77 2.75 8.13 7.42
C VAL A 77 2.00 7.43 6.32
N GLN A 78 1.09 6.56 6.71
CA GLN A 78 0.19 5.91 5.79
C GLN A 78 -1.14 5.95 6.49
N GLY A 79 -2.19 6.26 5.75
CA GLY A 79 -3.52 6.22 6.30
C GLY A 79 -4.54 5.88 5.26
N SER A 80 -5.75 5.59 5.71
CA SER A 80 -6.92 5.62 4.84
C SER A 80 -8.12 6.08 5.66
N LEU A 81 -9.03 6.78 5.00
CA LEU A 81 -10.15 7.42 5.68
C LEU A 81 -11.44 6.71 5.30
N THR A 82 -12.14 6.17 6.28
CA THR A 82 -13.34 5.35 6.02
C THR A 82 -14.44 6.16 5.33
N ASN A 83 -14.55 7.44 5.67
CA ASN A 83 -15.43 8.36 4.94
C ASN A 83 -14.60 9.32 4.07
N PRO A 84 -15.21 9.87 3.00
CA PRO A 84 -14.57 10.95 2.23
C PRO A 84 -14.55 12.30 2.98
N SER A 85 -13.38 12.69 3.48
CA SER A 85 -13.25 13.89 4.31
C SER A 85 -13.39 15.18 3.50
N THR A 86 -14.48 15.89 3.72
CA THR A 86 -14.69 17.21 3.12
C THR A 86 -13.77 18.27 3.76
N GLY A 87 -12.53 18.32 3.30
CA GLY A 87 -11.53 19.26 3.85
C GLY A 87 -10.14 18.97 3.30
N GLN A 88 -9.39 20.01 2.98
CA GLN A 88 -8.09 19.85 2.29
C GLN A 88 -7.01 19.42 3.27
N THR A 89 -7.07 20.00 4.47
CA THR A 89 -6.13 19.71 5.53
C THR A 89 -6.49 18.41 6.25
N LEU A 90 -5.53 17.88 7.00
CA LEU A 90 -5.71 16.66 7.80
C LEU A 90 -4.61 16.60 8.82
N GLY A 91 -4.98 16.59 10.09
CA GLY A 91 -4.02 16.79 11.15
C GLY A 91 -3.99 15.64 12.12
N MET A 92 -2.91 15.59 12.88
CA MET A 92 -2.79 14.64 13.97
C MET A 92 -1.81 15.19 14.99
N ASN A 93 -2.24 15.19 16.25
CA ASN A 93 -1.53 15.86 17.32
C ASN A 93 -1.03 14.90 18.37
N LEU A 94 0.24 15.06 18.73
CA LEU A 94 0.84 14.36 19.85
C LEU A 94 0.98 15.30 21.03
N TYR A 95 0.55 14.82 22.19
CA TYR A 95 0.69 15.55 23.44
C TYR A 95 1.44 14.68 24.46
N PHE A 96 2.50 15.22 25.06
CA PHE A 96 3.32 14.46 25.99
C PHE A 96 3.30 15.05 27.41
N ASP A 97 3.48 14.18 28.40
CA ASP A 97 3.65 14.60 29.80
C ASP A 97 5.09 15.04 30.03
N ALA A 98 5.48 15.26 31.28
CA ALA A 98 6.81 15.76 31.58
C ALA A 98 7.89 14.75 31.25
N ASP A 99 7.56 13.47 31.32
CA ASP A 99 8.54 12.40 31.11
C ASP A 99 8.60 11.93 29.66
N GLY A 100 7.80 12.54 28.79
CA GLY A 100 7.81 12.21 27.38
C GLY A 100 6.86 11.09 26.99
N ASN A 101 5.87 10.81 27.83
CA ASN A 101 4.85 9.80 27.50
C ASN A 101 3.73 10.44 26.71
N VAL A 102 3.20 9.71 25.74
CA VAL A 102 2.10 10.20 24.93
C VAL A 102 0.79 10.12 25.74
N LEU A 103 0.07 11.24 25.79
CA LEU A 103 -1.13 11.36 26.60
C LEU A 103 -2.33 10.87 25.83
N SER A 104 -3.32 10.37 26.57
CA SER A 104 -4.49 9.68 25.99
C SER A 104 -5.15 10.44 24.84
N GLU A 105 -5.20 11.76 24.98
CA GLU A 105 -5.88 12.61 24.02
C GLU A 105 -5.15 12.75 22.66
N SER A 106 -3.92 12.24 22.58
CA SER A 106 -3.18 12.27 21.32
C SER A 106 -3.88 11.41 20.27
N ASN A 107 -3.54 11.64 19.00
CA ASN A 107 -4.06 10.84 17.89
C ASN A 107 -3.35 9.50 17.77
N LEU A 108 -2.23 9.35 18.47
CA LEU A 108 -1.49 8.10 18.55
C LEU A 108 -2.00 7.26 19.72
N VAL A 109 -2.38 6.02 19.45
CA VAL A 109 -2.68 5.05 20.51
C VAL A 109 -1.44 4.95 21.41
N ARG A 110 -1.64 5.07 22.73
CA ARG A 110 -0.49 5.19 23.64
C ARG A 110 0.21 3.86 23.90
N GLY A 111 -0.47 2.75 23.63
CA GLY A 111 0.23 1.47 23.52
C GLY A 111 1.39 1.44 22.51
N SER A 112 1.46 2.43 21.61
CA SER A 112 2.43 2.40 20.51
C SER A 112 3.51 3.48 20.57
N TRP A 113 3.96 3.83 21.77
CA TRP A 113 5.02 4.83 21.91
C TRP A 113 5.90 4.44 23.07
N GLY A 114 7.19 4.23 22.81
CA GLY A 114 8.13 3.79 23.84
C GLY A 114 9.58 4.06 23.52
N MET A 115 10.46 3.58 24.41
CA MET A 115 11.91 3.68 24.21
C MET A 115 12.37 2.58 23.26
N LYS A 116 13.46 2.84 22.54
CA LYS A 116 14.03 1.81 21.69
C LYS A 116 14.86 0.85 22.49
N ASP A 117 14.53 -0.43 22.41
CA ASP A 117 15.46 -1.49 22.78
C ASP A 117 15.53 -2.43 21.60
N GLN A 118 16.64 -2.41 20.88
CA GLN A 118 16.76 -3.09 19.61
C GLN A 118 15.51 -2.78 18.76
N ASP A 119 14.73 -3.79 18.39
CA ASP A 119 13.56 -3.57 17.52
C ASP A 119 12.25 -3.48 18.32
N THR A 120 12.34 -3.30 19.64
CA THR A 120 11.16 -3.33 20.49
C THR A 120 10.88 -2.00 21.20
N LEU A 121 9.72 -1.94 21.86
CA LEU A 121 9.29 -0.79 22.66
C LEU A 121 9.38 -1.11 24.13
N VAL A 122 9.86 -0.17 24.92
CA VAL A 122 9.85 -0.33 26.38
C VAL A 122 8.90 0.70 27.00
N THR A 123 7.84 0.19 27.66
CA THR A 123 6.61 0.94 27.86
C THR A 123 6.62 1.93 29.02
N PRO A 124 7.40 1.67 30.08
CA PRO A 124 7.60 2.81 31.01
C PRO A 124 8.77 3.70 30.55
N ILE A 125 8.48 4.84 29.92
CA ILE A 125 9.54 5.73 29.43
C ILE A 125 10.24 6.48 30.58
N ALA A 126 11.56 6.37 30.61
CA ALA A 126 12.39 7.04 31.60
C ALA A 126 13.35 8.02 30.92
N ASN A 127 13.29 9.29 31.34
CA ASN A 127 14.13 10.35 30.78
C ASN A 127 13.79 10.67 29.33
N GLY A 128 12.50 10.73 29.04
CA GLY A 128 12.05 11.13 27.73
C GLY A 128 12.11 12.62 27.45
N GLN A 129 12.27 13.43 28.50
CA GLN A 129 12.21 14.89 28.35
C GLN A 129 13.27 15.41 27.38
N TYR A 130 14.38 14.70 27.29
CA TYR A 130 15.51 15.11 26.47
C TYR A 130 15.19 15.11 24.98
N LEU A 131 14.12 14.45 24.57
CA LEU A 131 13.74 14.44 23.16
C LEU A 131 12.56 15.34 22.85
N MET A 132 12.02 16.01 23.87
CA MET A 132 10.92 16.95 23.70
C MET A 132 11.43 18.32 23.27
N PRO A 133 10.63 19.08 22.51
CA PRO A 133 11.00 20.39 22.03
C PRO A 133 11.33 21.37 23.14
N ASN A 134 12.51 22.00 23.03
CA ASN A 134 12.98 22.94 24.03
C ASN A 134 11.92 23.99 24.38
N LEU A 135 11.57 24.07 25.67
CA LEU A 135 10.52 24.98 26.14
C LEU A 135 10.87 26.48 26.02
N THR A 136 12.16 26.84 25.96
CA THR A 136 12.56 28.24 25.77
C THR A 136 12.65 28.64 24.29
N ALA A 137 13.07 27.72 23.43
CA ALA A 137 13.17 27.98 22.00
C ALA A 137 11.78 28.03 21.40
N TYR A 138 10.95 27.09 21.83
CA TYR A 138 9.60 26.93 21.28
C TYR A 138 8.61 26.97 22.42
N PRO A 139 8.25 28.18 22.88
CA PRO A 139 7.36 28.33 24.03
C PRO A 139 6.01 27.66 23.85
N ARG A 140 5.45 27.18 24.96
CA ARG A 140 4.13 26.57 24.99
C ARG A 140 3.05 27.52 24.50
N LEU A 141 2.22 27.06 23.58
CA LEU A 141 0.96 27.74 23.20
C LEU A 141 1.12 29.10 22.53
N ILE A 142 2.28 29.34 21.91
CA ILE A 142 2.46 30.55 21.12
C ILE A 142 2.57 30.15 19.66
N GLN A 143 1.48 30.36 18.94
CA GLN A 143 1.36 29.91 17.56
C GLN A 143 1.87 30.99 16.60
N THR A 144 2.06 32.20 17.12
CA THR A 144 2.47 33.35 16.31
C THR A 144 3.96 33.41 15.96
N LEU A 145 4.77 32.50 16.51
CA LEU A 145 6.21 32.47 16.21
C LEU A 145 6.51 31.47 15.11
N THR A 146 6.99 31.94 13.96
CA THR A 146 7.35 31.06 12.84
C THR A 146 8.49 30.14 13.20
N SER A 147 9.40 30.64 14.03
CA SER A 147 10.53 29.89 14.53
C SER A 147 10.14 28.61 15.25
N SER A 148 8.87 28.48 15.63
CA SER A 148 8.36 27.27 16.30
C SER A 148 7.79 26.19 15.36
N TYR A 149 7.88 26.42 14.04
CA TYR A 149 7.35 25.46 13.05
C TYR A 149 8.43 24.94 12.10
N ILE A 150 8.22 23.73 11.59
CA ILE A 150 9.04 23.19 10.52
C ILE A 150 8.12 22.88 9.36
N TYR A 151 8.36 23.52 8.23
CA TYR A 151 7.64 23.21 6.99
C TYR A 151 8.49 22.30 6.13
N THR A 152 7.97 21.12 5.83
CA THR A 152 8.64 20.21 4.93
C THR A 152 7.59 19.62 3.99
N GLN A 153 7.97 18.64 3.19
CA GLN A 153 7.00 18.01 2.33
C GLN A 153 7.42 16.60 1.99
N ALA A 154 6.43 15.77 1.71
CA ALA A 154 6.63 14.35 1.50
C ALA A 154 6.07 13.98 0.15
N HIS A 155 6.48 12.84 -0.37
CA HIS A 155 5.93 12.34 -1.62
C HIS A 155 4.92 11.28 -1.32
N LEU A 156 3.90 11.19 -2.17
CA LEU A 156 2.83 10.24 -1.99
C LEU A 156 3.02 9.13 -2.98
N ASP A 157 2.84 7.91 -2.50
CA ASP A 157 2.86 6.68 -3.31
C ASP A 157 2.52 6.88 -4.78
N HIS A 158 1.36 7.49 -5.02
CA HIS A 158 0.75 7.56 -6.35
C HIS A 158 1.11 8.84 -7.12
N ASN A 159 1.44 8.64 -8.39
CA ASN A 159 2.10 9.63 -9.23
C ASN A 159 3.41 9.98 -8.56
N ASN A 160 3.88 11.20 -8.80
CA ASN A 160 4.55 11.92 -7.76
C ASN A 160 3.71 13.16 -7.49
N SER A 161 2.80 12.98 -6.54
CA SER A 161 2.10 14.07 -5.91
C SER A 161 2.85 14.32 -4.61
N VAL A 162 2.89 15.58 -4.16
CA VAL A 162 3.46 15.91 -2.87
C VAL A 162 2.35 16.27 -1.89
N VAL A 163 2.68 16.18 -0.61
CA VAL A 163 1.80 16.66 0.44
C VAL A 163 2.64 17.52 1.38
N ASP A 164 2.16 18.72 1.72
CA ASP A 164 2.90 19.62 2.63
C ASP A 164 2.66 19.29 4.09
N ILE A 165 3.70 18.88 4.80
CA ILE A 165 3.59 18.69 6.24
C ILE A 165 4.10 19.93 6.97
N LYS A 166 3.47 20.24 8.10
CA LYS A 166 3.87 21.37 8.95
C LYS A 166 3.91 20.91 10.40
N ILE A 167 5.11 20.63 10.88
CA ILE A 167 5.29 20.22 12.26
C ILE A 167 5.32 21.46 13.12
N GLY A 168 4.61 21.42 14.24
CA GLY A 168 4.47 22.56 15.15
C GLY A 168 4.98 22.16 16.51
N LEU A 169 6.01 22.86 16.98
CA LEU A 169 6.71 22.52 18.20
C LEU A 169 6.11 23.27 19.39
N ASN A 170 5.44 22.52 20.27
CA ASN A 170 4.78 23.04 21.49
C ASN A 170 3.67 24.06 21.22
N THR A 171 3.17 24.09 19.98
CA THR A 171 2.28 25.16 19.56
C THR A 171 0.85 24.76 19.87
N ASP A 172 0.50 23.55 19.46
CA ASP A 172 -0.83 23.03 19.73
C ASP A 172 -0.70 22.06 20.87
N LEU A 173 -1.38 22.36 21.98
CA LEU A 173 -1.41 21.43 23.10
C LEU A 173 -2.55 21.69 24.09
N ARG A 174 -2.95 20.63 24.79
CA ARG A 174 -4.06 20.65 25.75
C ARG A 174 -3.52 21.23 27.05
N PRO A 175 -4.42 21.57 27.98
CA PRO A 175 -3.95 22.18 29.23
C PRO A 175 -3.02 21.27 30.02
N THR A 176 -3.43 20.00 30.12
CA THR A 176 -2.70 19.02 30.88
C THR A 176 -1.32 18.63 30.28
N ALA A 177 -1.11 18.92 28.99
CA ALA A 177 0.11 18.52 28.28
C ALA A 177 1.33 19.35 28.66
N ALA A 178 2.51 18.73 28.59
CA ALA A 178 3.76 19.37 28.97
C ALA A 178 4.49 19.84 27.73
N TYR A 179 4.54 18.97 26.73
CA TYR A 179 5.12 19.32 25.44
C TYR A 179 4.19 18.80 24.35
N GLY A 180 4.40 19.25 23.13
CA GLY A 180 3.61 18.77 22.01
C GLY A 180 4.33 18.80 20.67
N LEU A 181 3.99 17.84 19.81
CA LEU A 181 4.31 17.90 18.40
C LEU A 181 3.00 17.82 17.67
N SER A 182 2.76 18.74 16.76
CA SER A 182 1.54 18.67 15.95
C SER A 182 1.93 18.64 14.48
N PHE A 183 1.36 17.68 13.77
CA PHE A 183 1.58 17.52 12.34
C PHE A 183 0.30 17.87 11.61
N THR A 184 0.40 18.74 10.62
CA THR A 184 -0.72 19.07 9.77
C THR A 184 -0.34 18.81 8.33
N MET A 185 -1.22 18.16 7.59
CA MET A 185 -0.91 17.82 6.22
C MET A 185 -1.90 18.46 5.30
N THR A 186 -1.41 19.29 4.39
CA THR A 186 -2.23 19.89 3.37
C THR A 186 -2.03 19.14 2.09
N PHE A 187 -3.11 18.68 1.48
CA PHE A 187 -3.03 18.01 0.20
C PHE A 187 -3.29 19.01 -0.88
N THR A 188 -2.72 18.75 -2.05
CA THR A 188 -2.76 19.71 -3.15
C THR A 188 -4.19 20.10 -3.50
N ASN A 189 -5.14 19.17 -3.29
CA ASN A 189 -6.56 19.52 -3.25
C ASN A 189 -7.31 18.82 -2.09
N SER A 190 -8.00 17.71 -2.37
CA SER A 190 -8.74 16.96 -1.37
C SER A 190 -7.97 15.69 -1.04
N PRO A 191 -7.94 15.28 0.25
CA PRO A 191 -7.18 14.08 0.65
C PRO A 191 -7.67 12.84 -0.09
N PRO A 192 -6.78 11.89 -0.38
CA PRO A 192 -7.29 10.69 -1.01
C PRO A 192 -7.85 9.72 0.02
N THR A 193 -8.70 8.82 -0.47
CA THR A 193 -9.24 7.74 0.34
C THR A 193 -8.08 7.07 1.10
N SER A 194 -7.07 6.58 0.37
CA SER A 194 -5.87 5.99 0.95
C SER A 194 -4.58 6.63 0.41
N PHE A 195 -3.51 6.54 1.19
CA PHE A 195 -2.24 7.20 0.85
C PHE A 195 -1.11 6.72 1.76
N GLY A 196 0.11 6.66 1.20
CA GLY A 196 1.31 6.40 1.98
C GLY A 196 2.40 7.38 1.56
N THR A 197 3.09 7.98 2.54
CA THR A 197 4.20 8.90 2.26
C THR A 197 5.56 8.21 2.35
N ASP A 198 6.57 8.87 1.78
CA ASP A 198 7.96 8.45 1.92
C ASP A 198 8.47 8.81 3.31
N LEU A 199 9.78 8.65 3.51
CA LEU A 199 10.42 8.90 4.79
C LEU A 199 10.94 10.31 4.81
N VAL A 200 10.44 11.10 5.76
CA VAL A 200 10.76 12.50 5.89
C VAL A 200 11.57 12.69 7.15
N GLN A 201 12.45 13.69 7.15
CA GLN A 201 13.29 13.95 8.31
C GLN A 201 13.15 15.40 8.76
N PHE A 202 13.46 15.64 10.02
CA PHE A 202 13.44 16.99 10.58
C PHE A 202 14.24 17.03 11.89
N GLY A 203 14.87 18.17 12.18
CA GLY A 203 15.64 18.38 13.41
C GLY A 203 15.01 19.50 14.21
N TYR A 204 15.20 19.48 15.53
CA TYR A 204 14.89 20.63 16.41
C TYR A 204 15.66 20.59 17.73
N LEU A 205 15.69 21.71 18.43
CA LEU A 205 16.46 21.79 19.68
C LEU A 205 15.76 21.05 20.81
N GLY A 206 16.50 20.21 21.52
CA GLY A 206 15.94 19.38 22.59
C GLY A 206 15.84 20.12 23.91
N GLN A 207 15.03 19.58 24.82
CA GLN A 207 14.89 20.15 26.15
C GLN A 207 15.97 19.58 27.08
N ASP A 208 16.53 20.47 27.92
CA ASP A 208 17.71 20.25 28.76
C ASP A 208 19.00 20.10 27.93
N LEU B 33 27.86 2.68 24.27
CA LEU B 33 27.97 2.31 22.83
C LEU B 33 27.87 3.54 21.92
N VAL B 34 29.03 3.97 21.40
CA VAL B 34 29.11 4.92 20.26
C VAL B 34 29.39 4.11 18.98
N TYR B 35 28.69 4.48 17.91
CA TYR B 35 28.75 3.72 16.67
C TYR B 35 29.84 4.26 15.77
N PRO B 36 30.38 3.43 14.87
CA PRO B 36 31.34 3.94 13.92
C PRO B 36 30.71 4.82 12.84
N THR B 37 31.55 5.35 11.96
CA THR B 37 31.11 6.15 10.83
C THR B 37 31.66 5.50 9.58
N LEU B 38 30.78 5.19 8.64
CA LEU B 38 31.20 4.65 7.35
C LEU B 38 31.17 5.76 6.30
N TRP B 39 32.17 5.81 5.42
CA TRP B 39 32.24 6.85 4.40
C TRP B 39 33.17 6.51 3.25
N THR B 40 33.11 7.35 2.21
CA THR B 40 33.98 7.20 1.06
C THR B 40 35.28 7.99 1.22
N GLY B 41 35.41 8.67 2.35
CA GLY B 41 36.52 9.59 2.59
C GLY B 41 36.02 10.99 2.30
N PRO B 42 36.71 12.02 2.81
CA PRO B 42 36.23 13.38 2.70
C PRO B 42 36.30 13.95 1.29
N ALA B 43 37.40 13.70 0.60
CA ALA B 43 37.66 14.27 -0.73
C ALA B 43 38.21 13.18 -1.64
N PRO B 44 37.36 12.21 -1.99
CA PRO B 44 37.83 11.05 -2.72
C PRO B 44 38.03 11.38 -4.18
N GLU B 45 38.67 10.45 -4.88
CA GLU B 45 38.93 10.56 -6.31
C GLU B 45 37.86 9.74 -7.02
N ALA B 46 37.87 9.73 -8.34
CA ALA B 46 36.87 8.99 -9.12
C ALA B 46 36.69 7.60 -8.55
N ASN B 47 35.47 7.29 -8.12
CA ASN B 47 35.19 6.04 -7.40
C ASN B 47 33.83 5.41 -7.69
N VAL B 48 33.17 5.82 -8.77
CA VAL B 48 31.91 5.20 -9.15
C VAL B 48 31.80 5.15 -10.68
N THR B 49 31.53 3.95 -11.20
CA THR B 49 31.20 3.76 -12.61
C THR B 49 29.68 3.78 -12.74
N PHE B 50 29.16 4.35 -13.82
CA PHE B 50 27.71 4.35 -14.04
C PHE B 50 27.33 3.25 -15.02
N SER B 51 26.05 2.87 -14.98
CA SER B 51 25.49 1.81 -15.84
C SER B 51 25.94 1.97 -17.29
N GLY B 52 26.54 0.93 -17.85
CA GLY B 52 26.98 0.93 -19.25
C GLY B 52 28.25 1.74 -19.50
N GLU B 53 29.01 1.99 -18.43
CA GLU B 53 30.25 2.75 -18.50
C GLU B 53 31.45 1.79 -18.28
N ASN B 54 32.54 2.03 -18.99
CA ASN B 54 33.72 1.17 -18.91
C ASN B 54 34.51 1.35 -17.60
N SER B 55 35.03 2.55 -17.37
CA SER B 55 35.84 2.87 -16.18
C SER B 55 35.08 3.85 -15.28
N PRO B 56 35.55 4.07 -14.03
CA PRO B 56 34.82 4.96 -13.10
C PRO B 56 34.87 6.43 -13.51
N SER B 57 33.69 7.03 -13.67
CA SER B 57 33.57 8.34 -14.29
C SER B 57 32.91 9.36 -13.38
N GLY B 58 32.78 9.02 -12.10
CA GLY B 58 32.13 9.91 -11.12
C GLY B 58 32.69 9.78 -9.73
N ILE B 59 32.47 10.80 -8.91
CA ILE B 59 32.87 10.77 -7.52
C ILE B 59 31.61 10.75 -6.68
N LEU B 60 31.55 9.80 -5.75
CA LEU B 60 30.46 9.75 -4.78
C LEU B 60 31.05 10.11 -3.43
N ARG B 61 30.46 11.13 -2.80
CA ARG B 61 30.79 11.49 -1.43
C ARG B 61 29.62 11.06 -0.56
N LEU B 62 29.75 9.88 0.05
CA LEU B 62 28.73 9.36 0.95
C LEU B 62 29.34 9.20 2.32
N CYS B 63 28.53 9.46 3.34
CA CYS B 63 28.96 9.27 4.72
C CYS B 63 27.77 9.02 5.62
N LEU B 64 27.87 7.97 6.40
CA LEU B 64 26.82 7.57 7.33
C LEU B 64 27.36 7.67 8.75
N SER B 65 26.63 8.37 9.61
CA SER B 65 26.92 8.44 11.05
C SER B 65 25.61 8.13 11.76
N ARG B 66 25.67 7.88 13.08
CA ARG B 66 24.48 7.48 13.82
C ARG B 66 24.42 7.99 15.26
N THR B 67 23.22 8.33 15.73
CA THR B 67 22.94 8.35 17.17
C THR B 67 21.63 7.70 17.42
N GLY B 68 21.48 7.16 18.62
CA GLY B 68 20.27 6.48 19.00
C GLY B 68 19.91 5.50 17.92
N GLY B 69 18.68 5.60 17.45
CA GLY B 69 18.20 4.71 16.41
C GLY B 69 18.47 5.22 15.01
N THR B 70 18.89 6.48 14.88
CA THR B 70 18.91 7.14 13.59
C THR B 70 20.28 7.27 12.96
N VAL B 71 20.38 6.80 11.72
CA VAL B 71 21.53 7.04 10.83
C VAL B 71 21.31 8.32 10.03
N ILE B 72 22.35 9.15 9.91
CA ILE B 72 22.27 10.38 9.13
C ILE B 72 23.22 10.27 7.96
N GLY B 73 22.68 10.48 6.76
CA GLY B 73 23.46 10.40 5.53
C GLY B 73 23.73 11.77 4.98
N THR B 74 24.93 11.96 4.45
CA THR B 74 25.27 13.14 3.66
C THR B 74 25.79 12.68 2.30
N LEU B 75 25.36 13.36 1.25
CA LEU B 75 25.60 12.89 -0.11
C LEU B 75 25.88 14.04 -1.04
N SER B 76 26.84 13.83 -1.93
CA SER B 76 27.06 14.71 -3.05
C SER B 76 27.68 13.86 -4.15
N VAL B 77 27.25 14.12 -5.37
CA VAL B 77 27.70 13.36 -6.53
C VAL B 77 28.14 14.33 -7.57
N GLN B 78 29.19 13.95 -8.28
CA GLN B 78 29.55 14.63 -9.50
C GLN B 78 30.07 13.56 -10.44
N GLY B 79 29.76 13.72 -11.72
CA GLY B 79 30.29 12.82 -12.73
C GLY B 79 30.35 13.49 -14.08
N SER B 80 30.83 12.71 -15.05
CA SER B 80 30.67 13.07 -16.45
C SER B 80 30.50 11.79 -17.25
N LEU B 81 29.39 11.69 -17.96
CA LEU B 81 29.14 10.52 -18.80
C LEU B 81 30.02 10.64 -20.03
N THR B 82 30.79 9.58 -20.32
CA THR B 82 31.64 9.55 -21.52
C THR B 82 30.77 9.38 -22.78
N ASN B 83 29.55 8.89 -22.59
CA ASN B 83 28.57 8.76 -23.67
C ASN B 83 27.25 9.51 -23.38
N PRO B 84 26.59 10.07 -24.42
CA PRO B 84 25.29 10.71 -24.24
C PRO B 84 24.16 9.67 -24.06
N SER B 85 23.95 9.20 -22.84
CA SER B 85 23.02 8.11 -22.59
C SER B 85 21.57 8.53 -22.87
N THR B 86 20.93 7.86 -23.83
CA THR B 86 19.52 8.12 -24.18
C THR B 86 18.59 7.61 -23.07
N GLY B 87 18.42 8.44 -22.05
CA GLY B 87 17.60 8.10 -20.90
C GLY B 87 17.64 9.25 -19.92
N GLN B 88 16.46 9.70 -19.48
CA GLN B 88 16.34 10.85 -18.55
C GLN B 88 16.76 10.51 -17.11
N THR B 89 16.83 9.24 -16.77
CA THR B 89 17.23 8.82 -15.43
C THR B 89 18.54 8.06 -15.48
N LEU B 90 19.28 8.11 -14.38
CA LEU B 90 20.55 7.40 -14.27
C LEU B 90 20.79 7.05 -12.81
N GLY B 91 21.24 5.82 -12.55
CA GLY B 91 21.26 5.27 -11.21
C GLY B 91 22.55 4.60 -10.82
N MET B 92 22.57 4.11 -9.59
CA MET B 92 23.81 3.84 -8.89
C MET B 92 23.45 3.09 -7.60
N ASN B 93 23.77 1.80 -7.56
CA ASN B 93 23.35 0.90 -6.48
C ASN B 93 24.49 0.51 -5.57
N LEU B 94 24.27 0.56 -4.27
CA LEU B 94 25.22 0.02 -3.32
C LEU B 94 24.63 -1.23 -2.71
N TYR B 95 25.44 -2.28 -2.61
CA TYR B 95 25.01 -3.52 -1.99
C TYR B 95 26.00 -3.88 -0.91
N PHE B 96 25.51 -4.21 0.27
CA PHE B 96 26.40 -4.53 1.41
C PHE B 96 26.24 -5.94 1.93
N ASP B 97 27.31 -6.45 2.52
CA ASP B 97 27.30 -7.73 3.25
C ASP B 97 26.86 -7.51 4.70
N ALA B 98 26.94 -8.56 5.52
CA ALA B 98 26.41 -8.52 6.88
C ALA B 98 27.12 -7.52 7.80
N ASP B 99 28.36 -7.19 7.47
CA ASP B 99 29.19 -6.31 8.29
C ASP B 99 29.28 -4.90 7.72
N GLY B 100 28.64 -4.66 6.59
CA GLY B 100 28.61 -3.32 6.01
C GLY B 100 29.66 -3.03 4.94
N ASN B 101 30.35 -4.05 4.45
CA ASN B 101 31.29 -3.86 3.34
C ASN B 101 30.58 -3.83 2.00
N VAL B 102 31.05 -2.99 1.09
CA VAL B 102 30.43 -2.89 -0.22
C VAL B 102 30.84 -4.06 -1.12
N LEU B 103 29.86 -4.75 -1.72
CA LEU B 103 30.10 -5.88 -2.60
C LEU B 103 30.49 -5.45 -4.00
N SER B 104 31.29 -6.28 -4.67
CA SER B 104 31.89 -5.94 -5.95
C SER B 104 30.88 -5.52 -7.03
N GLU B 105 29.67 -6.07 -6.97
CA GLU B 105 28.65 -5.76 -7.96
C GLU B 105 28.13 -4.33 -7.86
N SER B 106 28.46 -3.64 -6.77
CA SER B 106 28.05 -2.25 -6.58
C SER B 106 28.69 -1.31 -7.62
N ASN B 107 28.10 -0.12 -7.75
CA ASN B 107 28.62 0.92 -8.65
C ASN B 107 29.82 1.67 -8.05
N LEU B 108 30.01 1.53 -6.74
CA LEU B 108 31.15 2.12 -6.04
C LEU B 108 32.32 1.15 -6.05
N VAL B 109 33.52 1.67 -6.27
CA VAL B 109 34.73 0.86 -6.24
C VAL B 109 34.98 0.44 -4.80
N ARG B 110 35.25 -0.84 -4.58
CA ARG B 110 35.37 -1.39 -3.22
C ARG B 110 36.40 -0.64 -2.41
N GLY B 111 37.55 -0.39 -3.02
CA GLY B 111 38.60 0.42 -2.40
C GLY B 111 38.12 1.68 -1.68
N SER B 112 37.05 2.31 -2.18
CA SER B 112 36.63 3.61 -1.65
C SER B 112 35.53 3.54 -0.62
N TRP B 113 35.62 2.64 0.35
CA TRP B 113 34.60 2.55 1.40
C TRP B 113 35.20 1.94 2.65
N GLY B 114 34.98 2.59 3.78
CA GLY B 114 35.56 2.11 5.02
C GLY B 114 35.14 2.93 6.21
N MET B 115 35.83 2.72 7.32
CA MET B 115 35.52 3.41 8.57
C MET B 115 36.28 4.71 8.64
N LYS B 116 35.63 5.74 9.19
CA LYS B 116 36.30 7.01 9.45
C LYS B 116 37.26 6.87 10.61
N ASP B 117 38.52 7.19 10.35
CA ASP B 117 39.50 7.46 11.38
C ASP B 117 40.15 8.77 10.98
N GLN B 118 39.82 9.84 11.69
CA GLN B 118 40.34 11.15 11.35
C GLN B 118 39.91 11.50 9.90
N ASP B 119 40.87 11.71 8.99
CA ASP B 119 40.55 12.06 7.58
C ASP B 119 40.82 10.92 6.58
N THR B 120 40.86 9.68 7.07
CA THR B 120 41.17 8.52 6.23
C THR B 120 40.10 7.42 6.31
N LEU B 121 40.26 6.38 5.47
CA LEU B 121 39.42 5.18 5.51
C LEU B 121 40.18 4.06 6.19
N VAL B 122 39.52 3.34 7.09
CA VAL B 122 40.07 2.08 7.58
C VAL B 122 39.32 0.94 6.87
N THR B 123 40.08 0.03 6.27
CA THR B 123 39.57 -0.82 5.21
C THR B 123 38.78 -2.04 5.70
N PRO B 124 39.30 -2.83 6.65
CA PRO B 124 38.45 -3.94 7.09
C PRO B 124 37.38 -3.44 8.08
N ILE B 125 36.15 -3.22 7.60
CA ILE B 125 35.08 -2.66 8.45
C ILE B 125 34.65 -3.62 9.56
N ALA B 126 34.36 -3.06 10.73
CA ALA B 126 33.87 -3.85 11.87
C ALA B 126 32.65 -3.19 12.47
N ASN B 127 31.58 -3.96 12.66
CA ASN B 127 30.32 -3.43 13.18
C ASN B 127 29.65 -2.44 12.25
N GLY B 128 29.80 -2.64 10.96
CA GLY B 128 29.15 -1.76 10.00
C GLY B 128 27.65 -1.90 10.06
N GLN B 129 27.16 -3.07 10.48
CA GLN B 129 25.72 -3.34 10.37
C GLN B 129 24.86 -2.25 11.02
N TYR B 130 25.41 -1.56 12.01
CA TYR B 130 24.68 -0.53 12.75
C TYR B 130 24.33 0.68 11.93
N LEU B 131 25.07 0.92 10.85
CA LEU B 131 24.82 2.07 9.99
C LEU B 131 24.02 1.70 8.75
N MET B 132 23.53 0.46 8.71
CA MET B 132 22.72 -0.05 7.61
C MET B 132 21.23 0.11 7.90
N PRO B 133 20.40 0.04 6.85
CA PRO B 133 18.98 0.29 7.05
C PRO B 133 18.30 -0.87 7.75
N ASN B 134 17.53 -0.54 8.78
CA ASN B 134 16.84 -1.54 9.57
C ASN B 134 16.03 -2.49 8.71
N LEU B 135 16.23 -3.78 8.92
CA LEU B 135 15.59 -4.82 8.10
C LEU B 135 14.10 -5.07 8.37
N THR B 136 13.59 -4.67 9.55
CA THR B 136 12.16 -4.77 9.87
C THR B 136 11.42 -3.55 9.31
N ALA B 137 12.01 -2.39 9.46
CA ALA B 137 11.43 -1.13 9.00
C ALA B 137 11.47 -1.07 7.49
N TYR B 138 12.55 -1.58 6.91
CA TYR B 138 12.81 -1.48 5.46
C TYR B 138 13.11 -2.85 4.91
N PRO B 139 12.08 -3.70 4.80
CA PRO B 139 12.27 -5.10 4.43
C PRO B 139 12.96 -5.27 3.07
N ARG B 140 13.67 -6.39 2.93
CA ARG B 140 14.48 -6.65 1.76
C ARG B 140 13.61 -6.97 0.56
N LEU B 141 14.00 -6.41 -0.58
CA LEU B 141 13.42 -6.75 -1.88
C LEU B 141 11.95 -6.37 -2.03
N ILE B 142 11.45 -5.53 -1.15
CA ILE B 142 10.06 -5.09 -1.25
C ILE B 142 10.02 -3.64 -1.77
N GLN B 143 9.69 -3.55 -3.05
CA GLN B 143 9.73 -2.29 -3.78
C GLN B 143 8.42 -1.52 -3.65
N THR B 144 7.37 -2.22 -3.22
CA THR B 144 6.01 -1.68 -3.16
C THR B 144 5.72 -0.82 -1.93
N LEU B 145 6.69 -0.63 -1.03
CA LEU B 145 6.50 0.17 0.20
C LEU B 145 7.10 1.58 0.13
N THR B 146 6.24 2.59 -0.02
CA THR B 146 6.70 4.00 0.00
C THR B 146 7.56 4.30 1.21
N SER B 147 7.15 3.74 2.34
CA SER B 147 7.81 3.95 3.63
C SER B 147 9.28 3.58 3.64
N SER B 148 9.73 2.83 2.62
CA SER B 148 11.13 2.42 2.46
C SER B 148 11.96 3.29 1.50
N TYR B 149 11.38 4.39 1.00
CA TYR B 149 12.08 5.30 0.08
C TYR B 149 12.24 6.71 0.66
N ILE B 150 13.26 7.43 0.19
CA ILE B 150 13.44 8.83 0.56
C ILE B 150 13.55 9.62 -0.70
N TYR B 151 12.60 10.53 -0.92
CA TYR B 151 12.65 11.44 -2.04
C TYR B 151 13.24 12.74 -1.57
N THR B 152 14.21 13.21 -2.32
CA THR B 152 14.87 14.47 -2.05
C THR B 152 15.31 15.08 -3.40
N GLN B 153 15.84 16.30 -3.37
CA GLN B 153 16.36 16.91 -4.57
C GLN B 153 17.65 17.65 -4.28
N ALA B 154 18.53 17.71 -5.28
CA ALA B 154 19.83 18.35 -5.18
C ALA B 154 19.96 19.39 -6.27
N HIS B 155 20.63 20.50 -5.98
CA HIS B 155 20.86 21.55 -6.99
C HIS B 155 22.11 21.24 -7.79
N LEU B 156 22.12 21.67 -9.05
CA LEU B 156 23.23 21.43 -9.95
C LEU B 156 24.03 22.70 -10.19
N ASP B 157 25.32 22.51 -10.42
CA ASP B 157 26.28 23.61 -10.60
C ASP B 157 25.76 24.73 -11.51
N HIS B 158 25.30 24.35 -12.71
CA HIS B 158 24.92 25.31 -13.76
C HIS B 158 23.40 25.58 -13.76
N ASN B 159 23.05 26.86 -13.92
CA ASN B 159 21.68 27.37 -13.72
C ASN B 159 21.15 27.02 -12.33
N ASN B 160 19.87 27.26 -12.09
CA ASN B 160 19.22 26.66 -10.92
C ASN B 160 18.48 25.38 -11.34
N SER B 161 19.26 24.48 -11.96
CA SER B 161 18.72 23.21 -12.44
C SER B 161 18.71 22.24 -11.27
N VAL B 162 17.58 21.57 -11.07
CA VAL B 162 17.40 20.66 -9.97
C VAL B 162 17.35 19.23 -10.49
N VAL B 163 17.97 18.34 -9.75
CA VAL B 163 17.90 16.91 -9.98
C VAL B 163 17.07 16.28 -8.88
N ASP B 164 16.10 15.44 -9.22
CA ASP B 164 15.39 14.66 -8.24
C ASP B 164 16.20 13.42 -7.89
N ILE B 165 16.30 13.12 -6.61
CA ILE B 165 16.97 11.90 -6.16
C ILE B 165 16.01 11.04 -5.37
N LYS B 166 16.05 9.73 -5.62
CA LYS B 166 15.19 8.79 -4.93
C LYS B 166 16.09 7.73 -4.31
N ILE B 167 16.11 7.66 -2.98
CA ILE B 167 16.94 6.70 -2.29
C ILE B 167 16.10 5.54 -1.85
N GLY B 168 16.56 4.32 -2.17
CA GLY B 168 15.82 3.09 -1.85
C GLY B 168 16.50 2.23 -0.80
N LEU B 169 15.85 2.11 0.36
CA LEU B 169 16.38 1.36 1.48
C LEU B 169 16.06 -0.11 1.39
N ASN B 170 17.07 -0.93 1.12
CA ASN B 170 16.93 -2.38 1.04
C ASN B 170 16.02 -2.85 -0.09
N THR B 171 15.65 -1.94 -0.99
CA THR B 171 14.62 -2.19 -1.99
C THR B 171 15.20 -2.89 -3.21
N ASP B 172 16.30 -2.35 -3.72
CA ASP B 172 17.00 -2.90 -4.88
C ASP B 172 18.25 -3.61 -4.37
N LEU B 173 18.27 -4.94 -4.52
CA LEU B 173 19.48 -5.69 -4.18
C LEU B 173 19.60 -7.07 -4.82
N ARG B 174 20.85 -7.54 -4.87
CA ARG B 174 21.24 -8.81 -5.49
C ARG B 174 21.04 -9.94 -4.48
N PRO B 175 21.01 -11.20 -4.94
CA PRO B 175 20.82 -12.33 -4.02
C PRO B 175 21.86 -12.36 -2.89
N THR B 176 23.12 -12.12 -3.25
CA THR B 176 24.22 -12.19 -2.31
C THR B 176 24.22 -11.08 -1.24
N ALA B 177 23.52 -9.96 -1.51
CA ALA B 177 23.58 -8.80 -0.64
C ALA B 177 22.72 -8.99 0.60
N ALA B 178 23.15 -8.35 1.69
CA ALA B 178 22.45 -8.40 2.98
C ALA B 178 21.63 -7.16 3.17
N TYR B 179 22.24 -6.02 2.83
CA TYR B 179 21.59 -4.70 2.84
C TYR B 179 21.80 -4.02 1.49
N GLY B 180 21.16 -2.88 1.31
CA GLY B 180 21.26 -2.15 0.06
C GLY B 180 20.92 -0.69 0.19
N LEU B 181 21.27 0.08 -0.82
CA LEU B 181 21.08 1.52 -0.82
C LEU B 181 21.14 2.00 -2.27
N SER B 182 19.97 2.22 -2.86
CA SER B 182 19.86 2.58 -4.28
C SER B 182 19.73 4.06 -4.40
N PHE B 183 20.42 4.64 -5.37
CA PHE B 183 20.26 6.05 -5.68
C PHE B 183 19.86 6.18 -7.13
N THR B 184 18.74 6.85 -7.34
CA THR B 184 18.20 7.03 -8.66
C THR B 184 18.03 8.52 -8.87
N MET B 185 18.66 9.02 -9.92
CA MET B 185 18.62 10.44 -10.25
C MET B 185 17.87 10.68 -11.56
N THR B 186 16.80 11.46 -11.48
CA THR B 186 16.06 11.87 -12.66
C THR B 186 16.39 13.32 -12.95
N PHE B 187 16.54 13.67 -14.22
CA PHE B 187 16.89 15.02 -14.65
C PHE B 187 15.70 15.73 -15.26
N THR B 188 15.74 17.06 -15.22
CA THR B 188 14.65 17.88 -15.75
C THR B 188 14.34 17.51 -17.20
N ASN B 189 15.38 17.19 -17.98
CA ASN B 189 15.20 16.60 -19.34
C ASN B 189 16.21 15.46 -19.62
N SER B 190 17.21 15.68 -20.48
CA SER B 190 18.24 14.66 -20.73
C SER B 190 19.50 15.04 -19.94
N PRO B 191 20.14 14.05 -19.28
CA PRO B 191 21.27 14.34 -18.40
C PRO B 191 22.35 15.13 -19.12
N PRO B 192 23.02 16.06 -18.43
CA PRO B 192 24.13 16.71 -19.11
C PRO B 192 25.35 15.80 -19.20
N THR B 193 26.26 16.17 -20.10
CA THR B 193 27.52 15.44 -20.28
C THR B 193 28.31 15.42 -18.98
N SER B 194 28.28 16.54 -18.26
CA SER B 194 29.00 16.69 -16.99
C SER B 194 28.14 17.42 -15.96
N PHE B 195 28.26 17.05 -14.69
CA PHE B 195 27.46 17.66 -13.63
C PHE B 195 28.11 17.45 -12.26
N GLY B 196 27.85 18.37 -11.35
CA GLY B 196 28.21 18.20 -9.94
C GLY B 196 27.02 18.68 -9.14
N THR B 197 26.71 18.00 -8.04
CA THR B 197 25.58 18.40 -7.20
C THR B 197 26.10 18.99 -5.91
N ASP B 198 25.17 19.56 -5.15
CA ASP B 198 25.44 20.10 -3.82
C ASP B 198 25.39 19.01 -2.76
N LEU B 199 25.45 19.41 -1.50
CA LEU B 199 25.43 18.50 -0.38
C LEU B 199 24.00 18.27 0.11
N VAL B 200 23.60 17.02 0.12
CA VAL B 200 22.23 16.61 0.35
C VAL B 200 22.25 15.66 1.53
N GLN B 201 21.33 15.85 2.46
CA GLN B 201 21.32 15.01 3.65
C GLN B 201 20.08 14.13 3.70
N PHE B 202 20.15 13.07 4.49
CA PHE B 202 18.98 12.22 4.74
C PHE B 202 19.14 11.41 6.05
N GLY B 203 18.03 10.98 6.62
CA GLY B 203 18.01 10.14 7.82
C GLY B 203 17.21 8.86 7.60
N TYR B 204 17.62 7.79 8.26
CA TYR B 204 16.78 6.57 8.33
C TYR B 204 17.09 5.72 9.56
N LEU B 205 16.24 4.73 9.82
CA LEU B 205 16.37 3.89 11.00
C LEU B 205 17.48 2.81 10.87
N GLY B 206 18.33 2.72 11.87
CA GLY B 206 19.48 1.84 11.81
C GLY B 206 19.13 0.44 12.28
N GLN B 207 19.92 -0.53 11.85
CA GLN B 207 19.75 -1.94 12.19
C GLN B 207 20.38 -2.19 13.56
N ASP B 208 19.66 -2.93 14.42
CA ASP B 208 20.02 -3.14 15.84
C ASP B 208 19.89 -1.85 16.65
N LEU C 33 34.70 9.37 22.67
CA LEU C 33 34.50 10.84 22.45
C LEU C 33 33.02 11.27 22.46
N VAL C 34 32.73 12.41 23.08
CA VAL C 34 31.43 13.09 22.93
C VAL C 34 31.69 14.57 22.66
N TYR C 35 31.24 15.03 21.49
CA TYR C 35 31.55 16.37 21.02
C TYR C 35 30.63 17.40 21.65
N PRO C 36 31.10 18.66 21.75
CA PRO C 36 30.28 19.71 22.30
C PRO C 36 29.23 20.18 21.33
N THR C 37 28.45 21.16 21.77
CA THR C 37 27.40 21.77 20.96
C THR C 37 27.60 23.28 21.02
N LEU C 38 27.75 23.90 19.86
CA LEU C 38 27.92 25.33 19.76
C LEU C 38 26.63 25.92 19.25
N TRP C 39 26.22 27.05 19.82
CA TRP C 39 24.95 27.65 19.43
C TRP C 39 24.82 29.12 19.81
N THR C 40 23.81 29.77 19.25
CA THR C 40 23.51 31.15 19.58
C THR C 40 22.67 31.24 20.83
N GLY C 41 22.46 30.11 21.49
CA GLY C 41 21.50 30.03 22.58
C GLY C 41 20.15 29.67 22.00
N PRO C 42 19.18 29.33 22.86
CA PRO C 42 17.88 28.84 22.43
C PRO C 42 16.89 29.92 21.98
N ALA C 43 16.86 31.05 22.68
CA ALA C 43 15.95 32.15 22.39
C ALA C 43 16.69 33.48 22.49
N PRO C 44 17.67 33.70 21.60
CA PRO C 44 18.52 34.89 21.65
C PRO C 44 17.78 36.16 21.26
N GLU C 45 18.37 37.29 21.67
CA GLU C 45 17.87 38.59 21.27
C GLU C 45 18.62 39.05 20.05
N ALA C 46 18.28 40.23 19.54
CA ALA C 46 18.94 40.76 18.36
C ALA C 46 20.44 40.52 18.45
N ASN C 47 20.99 39.75 17.52
CA ASN C 47 22.39 39.34 17.54
C ASN C 47 23.10 39.30 16.19
N VAL C 48 22.51 39.87 15.14
CA VAL C 48 23.14 39.90 13.81
C VAL C 48 22.89 41.23 13.07
N THR C 49 23.96 41.77 12.48
CA THR C 49 23.92 43.01 11.70
C THR C 49 24.06 42.65 10.26
N PHE C 50 23.17 43.15 9.40
CA PHE C 50 23.23 42.82 7.98
C PHE C 50 24.11 43.82 7.23
N SER C 51 24.72 43.34 6.15
CA SER C 51 25.68 44.13 5.37
C SER C 51 25.09 45.48 5.01
N GLY C 52 25.69 46.53 5.56
CA GLY C 52 25.22 47.89 5.34
C GLY C 52 24.53 48.52 6.54
N GLU C 53 24.05 47.69 7.47
CA GLU C 53 23.35 48.20 8.65
C GLU C 53 24.37 48.55 9.75
N ASN C 54 24.09 49.62 10.51
CA ASN C 54 25.01 50.06 11.56
C ASN C 54 24.81 49.32 12.92
N SER C 55 23.57 48.93 13.23
CA SER C 55 23.27 48.13 14.44
C SER C 55 22.53 46.83 14.09
N PRO C 56 22.52 45.88 15.05
CA PRO C 56 21.92 44.58 14.76
C PRO C 56 20.40 44.66 14.61
N SER C 57 19.89 44.18 13.49
CA SER C 57 18.47 44.20 13.23
C SER C 57 17.96 42.81 12.89
N GLY C 58 18.67 41.78 13.35
CA GLY C 58 18.32 40.39 13.04
C GLY C 58 18.57 39.42 14.19
N ILE C 59 17.86 38.29 14.17
CA ILE C 59 18.06 37.23 15.16
C ILE C 59 18.44 35.95 14.44
N LEU C 60 19.64 35.46 14.70
CA LEU C 60 20.09 34.20 14.14
C LEU C 60 20.00 33.15 15.19
N ARG C 61 19.25 32.10 14.90
CA ARG C 61 19.14 30.95 15.77
C ARG C 61 19.85 29.81 15.09
N LEU C 62 21.08 29.53 15.55
CA LEU C 62 21.92 28.52 14.95
C LEU C 62 22.47 27.65 16.05
N CYS C 63 22.56 26.36 15.77
CA CYS C 63 23.06 25.37 16.72
C CYS C 63 23.68 24.26 15.92
N LEU C 64 24.88 23.87 16.34
CA LEU C 64 25.59 22.80 15.69
C LEU C 64 25.81 21.70 16.72
N SER C 65 25.43 20.49 16.37
CA SER C 65 25.72 19.31 17.18
C SER C 65 26.37 18.29 16.27
N ARG C 66 27.04 17.30 16.85
CA ARG C 66 27.73 16.29 16.06
C ARG C 66 27.54 14.87 16.55
N THR C 67 27.53 13.94 15.59
CA THR C 67 27.56 12.54 15.90
C THR C 67 28.45 11.89 14.85
N GLY C 68 29.34 11.01 15.31
CA GLY C 68 30.31 10.42 14.43
C GLY C 68 31.01 11.49 13.62
N GLY C 69 30.91 11.39 12.30
CA GLY C 69 31.59 12.32 11.42
C GLY C 69 30.72 13.47 10.95
N THR C 70 29.43 13.44 11.30
CA THR C 70 28.47 14.41 10.76
C THR C 70 28.07 15.49 11.77
N VAL C 71 28.11 16.74 11.31
CA VAL C 71 27.62 17.89 12.05
C VAL C 71 26.21 18.20 11.56
N ILE C 72 25.30 18.48 12.49
CA ILE C 72 23.91 18.74 12.16
C ILE C 72 23.53 20.13 12.62
N GLY C 73 23.07 20.94 11.69
CA GLY C 73 22.72 22.33 11.96
C GLY C 73 21.23 22.57 11.93
N THR C 74 20.78 23.46 12.81
CA THR C 74 19.43 23.99 12.78
C THR C 74 19.53 25.51 12.67
N LEU C 75 18.59 26.09 11.95
CA LEU C 75 18.67 27.49 11.57
C LEU C 75 17.31 28.08 11.39
N SER C 76 17.10 29.24 11.99
CA SER C 76 15.96 30.06 11.64
C SER C 76 16.42 31.49 11.81
N VAL C 77 15.90 32.38 10.99
CA VAL C 77 16.34 33.76 10.96
C VAL C 77 15.15 34.69 10.95
N GLN C 78 15.29 35.77 11.69
CA GLN C 78 14.30 36.80 11.72
C GLN C 78 15.08 38.08 11.60
N GLY C 79 14.63 38.98 10.75
CA GLY C 79 15.24 40.28 10.65
C GLY C 79 14.33 41.35 10.08
N SER C 80 14.80 42.57 10.10
CA SER C 80 14.15 43.67 9.42
C SER C 80 15.19 44.70 9.01
N LEU C 81 15.02 45.26 7.82
CA LEU C 81 15.98 46.19 7.26
C LEU C 81 15.53 47.60 7.60
N THR C 82 16.43 48.38 8.19
CA THR C 82 16.10 49.75 8.58
C THR C 82 16.02 50.73 7.40
N ASN C 83 16.44 50.27 6.21
CA ASN C 83 16.25 51.00 4.95
C ASN C 83 15.72 50.07 3.86
N PRO C 84 15.19 50.63 2.76
CA PRO C 84 14.80 49.76 1.63
C PRO C 84 15.99 49.34 0.75
N SER C 85 16.37 48.07 0.82
CA SER C 85 17.61 47.58 0.18
C SER C 85 17.46 47.26 -1.31
N THR C 86 18.10 48.06 -2.17
CA THR C 86 18.31 47.72 -3.59
C THR C 86 19.28 46.55 -3.72
N GLY C 87 18.74 45.35 -3.52
CA GLY C 87 19.49 44.12 -3.60
C GLY C 87 18.50 43.00 -3.35
N GLN C 88 18.35 42.12 -4.34
CA GLN C 88 17.43 40.98 -4.27
C GLN C 88 17.91 39.96 -3.25
N THR C 89 19.22 39.79 -3.22
CA THR C 89 19.87 38.88 -2.30
C THR C 89 20.18 39.58 -0.98
N LEU C 90 20.47 38.79 0.05
CA LEU C 90 20.82 39.30 1.39
C LEU C 90 21.63 38.23 2.11
N GLY C 91 22.72 38.61 2.74
CA GLY C 91 23.67 37.61 3.23
C GLY C 91 24.37 37.93 4.53
N MET C 92 24.77 36.87 5.22
CA MET C 92 25.52 37.00 6.45
C MET C 92 26.61 35.93 6.58
N ASN C 93 27.80 36.39 6.91
CA ASN C 93 28.96 35.53 7.01
C ASN C 93 29.41 35.31 8.45
N LEU C 94 29.65 34.04 8.79
CA LEU C 94 30.29 33.70 10.04
C LEU C 94 31.72 33.28 9.70
N TYR C 95 32.67 33.84 10.44
CA TYR C 95 34.06 33.50 10.31
C TYR C 95 34.57 32.97 11.64
N PHE C 96 35.23 31.83 11.65
CA PHE C 96 35.73 31.25 12.91
C PHE C 96 37.26 31.15 12.99
N ASP C 97 37.79 31.23 14.20
CA ASP C 97 39.21 30.98 14.46
C ASP C 97 39.43 29.47 14.60
N ALA C 98 40.62 29.07 15.05
CA ALA C 98 40.99 27.64 15.13
C ALA C 98 40.14 26.81 16.09
N ASP C 99 39.64 27.44 17.16
CA ASP C 99 38.86 26.77 18.22
C ASP C 99 37.35 26.90 17.99
N GLY C 100 36.95 27.59 16.93
CA GLY C 100 35.53 27.75 16.62
C GLY C 100 34.83 28.94 17.25
N ASN C 101 35.57 29.90 17.81
CA ASN C 101 34.98 31.17 18.21
C ASN C 101 34.74 32.05 17.00
N VAL C 102 33.68 32.87 17.01
CA VAL C 102 33.44 33.79 15.90
C VAL C 102 34.35 35.02 15.99
N LEU C 103 34.93 35.40 14.86
CA LEU C 103 35.75 36.58 14.76
C LEU C 103 34.83 37.81 14.72
N SER C 104 35.39 38.98 14.99
CA SER C 104 34.60 40.21 15.07
C SER C 104 33.97 40.61 13.74
N GLU C 105 34.65 40.32 12.64
CA GLU C 105 34.18 40.76 11.32
C GLU C 105 32.97 39.99 10.86
N SER C 106 32.60 38.95 11.59
CA SER C 106 31.37 38.22 11.33
C SER C 106 30.15 39.07 11.61
N ASN C 107 29.11 38.82 10.83
CA ASN C 107 27.83 39.52 10.98
C ASN C 107 27.12 39.23 12.31
N LEU C 108 27.50 38.15 12.98
CA LEU C 108 27.01 37.78 14.30
C LEU C 108 27.82 38.45 15.39
N VAL C 109 27.15 39.12 16.32
CA VAL C 109 27.83 39.70 17.48
C VAL C 109 28.49 38.58 18.28
N ARG C 110 29.72 38.82 18.74
CA ARG C 110 30.53 37.75 19.37
C ARG C 110 29.88 37.24 20.65
N GLY C 111 29.35 38.19 21.44
CA GLY C 111 28.63 37.84 22.64
C GLY C 111 27.69 36.64 22.51
N SER C 112 27.13 36.45 21.30
CA SER C 112 26.05 35.47 21.11
C SER C 112 26.47 34.14 20.49
N TRP C 113 27.69 33.68 20.74
CA TRP C 113 28.11 32.37 20.27
C TRP C 113 28.90 31.69 21.39
N GLY C 114 28.53 30.46 21.71
CA GLY C 114 29.15 29.74 22.81
C GLY C 114 28.81 28.27 22.86
N MET C 115 29.23 27.59 23.92
CA MET C 115 28.94 26.18 24.09
C MET C 115 27.64 26.03 24.81
N LYS C 116 26.93 24.93 24.55
CA LYS C 116 25.69 24.65 25.24
C LYS C 116 25.96 24.08 26.62
N ASP C 117 25.45 24.75 27.65
CA ASP C 117 25.27 24.10 28.94
C ASP C 117 23.82 24.33 29.34
N GLN C 118 22.98 23.35 29.00
CA GLN C 118 21.53 23.41 29.20
C GLN C 118 20.94 24.49 28.31
N ASP C 119 20.32 25.51 28.91
CA ASP C 119 19.71 26.60 28.13
C ASP C 119 20.61 27.85 28.09
N THR C 120 21.85 27.73 28.57
CA THR C 120 22.76 28.86 28.64
C THR C 120 23.91 28.69 27.66
N LEU C 121 24.76 29.72 27.61
CA LEU C 121 25.76 29.88 26.56
C LEU C 121 27.13 30.14 27.22
N VAL C 122 28.07 29.23 27.02
CA VAL C 122 29.36 29.28 27.72
C VAL C 122 30.46 29.77 26.77
N THR C 123 31.21 30.78 27.24
CA THR C 123 31.95 31.69 26.34
C THR C 123 33.37 31.29 25.94
N PRO C 124 34.23 30.89 26.90
CA PRO C 124 35.47 30.32 26.32
C PRO C 124 35.16 28.97 25.63
N ILE C 125 35.02 28.99 24.30
CA ILE C 125 34.74 27.76 23.56
C ILE C 125 36.00 26.88 23.51
N ALA C 126 35.90 25.69 24.09
CA ALA C 126 36.96 24.69 24.03
C ALA C 126 36.56 23.60 23.04
N ASN C 127 37.51 23.15 22.24
CA ASN C 127 37.29 22.02 21.32
C ASN C 127 36.14 22.24 20.34
N GLY C 128 36.02 23.45 19.81
CA GLY C 128 34.99 23.75 18.81
C GLY C 128 35.32 23.30 17.39
N GLN C 129 36.59 23.00 17.12
CA GLN C 129 37.00 22.67 15.75
C GLN C 129 36.20 21.51 15.20
N TYR C 130 35.71 20.63 16.08
CA TYR C 130 34.99 19.42 15.67
C TYR C 130 33.64 19.71 15.04
N LEU C 131 33.12 20.92 15.23
CA LEU C 131 31.83 21.27 14.66
C LEU C 131 31.96 22.11 13.40
N MET C 132 33.19 22.45 13.05
CA MET C 132 33.48 23.26 11.87
C MET C 132 33.57 22.37 10.66
N PRO C 133 33.31 22.92 9.47
CA PRO C 133 33.34 22.12 8.26
C PRO C 133 34.74 21.60 7.91
N ASN C 134 34.82 20.30 7.67
CA ASN C 134 36.06 19.61 7.34
C ASN C 134 36.79 20.29 6.20
N LEU C 135 38.09 20.54 6.40
CA LEU C 135 38.90 21.33 5.46
C LEU C 135 39.37 20.55 4.24
N THR C 136 39.36 19.22 4.30
CA THR C 136 39.70 18.41 3.14
C THR C 136 38.51 18.28 2.20
N ALA C 137 37.33 18.17 2.80
CA ALA C 137 36.09 18.03 2.06
C ALA C 137 35.67 19.36 1.47
N TYR C 138 35.75 20.40 2.29
CA TYR C 138 35.30 21.74 1.91
C TYR C 138 36.49 22.70 2.03
N PRO C 139 37.34 22.74 1.00
CA PRO C 139 38.55 23.55 0.98
C PRO C 139 38.30 25.04 1.16
N ARG C 140 39.25 25.71 1.81
CA ARG C 140 39.18 27.15 2.08
C ARG C 140 39.28 27.97 0.80
N LEU C 141 38.53 29.07 0.77
CA LEU C 141 38.62 30.09 -0.30
C LEU C 141 38.27 29.62 -1.70
N ILE C 142 37.66 28.43 -1.81
CA ILE C 142 37.32 27.84 -3.09
C ILE C 142 35.80 27.78 -3.25
N GLN C 143 35.34 28.49 -4.27
CA GLN C 143 33.92 28.72 -4.47
C GLN C 143 33.37 28.00 -5.72
N THR C 144 34.25 27.53 -6.59
CA THR C 144 33.82 26.84 -7.79
C THR C 144 33.35 25.38 -7.58
N LEU C 145 33.48 24.84 -6.37
CA LEU C 145 33.06 23.45 -6.09
C LEU C 145 31.64 23.41 -5.55
N THR C 146 30.71 22.87 -6.34
CA THR C 146 29.32 22.74 -5.91
C THR C 146 29.21 21.92 -4.63
N SER C 147 30.10 20.96 -4.48
CA SER C 147 30.15 20.07 -3.32
C SER C 147 30.37 20.79 -2.00
N SER C 148 30.88 22.02 -2.04
CA SER C 148 31.11 22.83 -0.84
C SER C 148 29.87 23.63 -0.37
N TYR C 149 28.76 23.54 -1.12
CA TYR C 149 27.54 24.31 -0.85
C TYR C 149 26.37 23.43 -0.44
N ILE C 150 25.42 24.02 0.28
CA ILE C 150 24.16 23.37 0.64
C ILE C 150 23.02 24.30 0.24
N TYR C 151 22.37 24.01 -0.88
CA TYR C 151 21.19 24.79 -1.26
C TYR C 151 19.98 24.20 -0.58
N THR C 152 19.21 25.05 0.08
CA THR C 152 17.99 24.66 0.79
C THR C 152 16.96 25.79 0.70
N GLN C 153 15.84 25.65 1.42
CA GLN C 153 14.88 26.74 1.45
C GLN C 153 14.01 26.77 2.69
N ALA C 154 13.57 27.99 3.02
CA ALA C 154 12.84 28.27 4.24
C ALA C 154 11.49 28.86 3.87
N HIS C 155 10.53 28.76 4.76
CA HIS C 155 9.23 29.36 4.52
C HIS C 155 9.14 30.63 5.30
N LEU C 156 8.55 31.63 4.68
CA LEU C 156 8.43 32.93 5.28
C LEU C 156 7.05 33.06 5.89
N ASP C 157 7.03 33.53 7.14
CA ASP C 157 5.80 33.82 7.89
C ASP C 157 4.57 34.09 7.02
N HIS C 158 4.67 35.12 6.17
CA HIS C 158 3.52 35.64 5.41
C HIS C 158 3.35 34.97 4.06
N ASN C 159 2.12 34.51 3.80
CA ASN C 159 1.79 33.68 2.63
C ASN C 159 2.60 32.39 2.65
N ASN C 160 2.54 31.65 1.55
CA ASN C 160 3.53 30.61 1.31
C ASN C 160 4.60 31.16 0.36
N SER C 161 5.35 32.13 0.89
CA SER C 161 6.53 32.64 0.20
C SER C 161 7.68 31.78 0.68
N VAL C 162 8.57 31.41 -0.23
CA VAL C 162 9.81 30.76 0.16
C VAL C 162 10.98 31.72 -0.04
N VAL C 163 12.02 31.52 0.75
CA VAL C 163 13.29 32.16 0.48
C VAL C 163 14.32 31.05 0.28
N ASP C 164 15.10 31.14 -0.79
CA ASP C 164 16.17 30.19 -1.06
C ASP C 164 17.39 30.54 -0.21
N ILE C 165 17.97 29.54 0.45
CA ILE C 165 19.13 29.78 1.32
C ILE C 165 20.29 28.94 0.85
N LYS C 166 21.44 29.57 0.66
CA LYS C 166 22.62 28.88 0.16
C LYS C 166 23.69 28.98 1.23
N ILE C 167 23.99 27.86 1.89
CA ILE C 167 25.08 27.80 2.87
C ILE C 167 26.40 27.46 2.19
N GLY C 168 27.45 28.18 2.53
CA GLY C 168 28.77 27.96 1.94
C GLY C 168 29.78 27.49 2.96
N LEU C 169 30.34 26.30 2.74
CA LEU C 169 31.26 25.70 3.69
C LEU C 169 32.71 26.07 3.35
N ASN C 170 33.25 26.97 4.16
CA ASN C 170 34.63 27.46 4.02
C ASN C 170 34.89 28.21 2.70
N THR C 171 33.83 28.64 2.03
CA THR C 171 33.95 29.28 0.73
C THR C 171 34.18 30.78 0.86
N ASP C 172 33.79 31.35 1.98
CA ASP C 172 33.88 32.79 2.20
C ASP C 172 34.57 33.03 3.54
N LEU C 173 35.74 33.65 3.48
CA LEU C 173 36.62 33.76 4.61
C LEU C 173 37.33 35.08 4.63
N ARG C 174 37.99 35.37 5.74
CA ARG C 174 38.89 36.51 5.88
C ARG C 174 40.26 35.92 6.17
N PRO C 175 41.33 36.66 5.85
CA PRO C 175 42.65 36.07 6.02
C PRO C 175 42.88 35.41 7.38
N THR C 176 42.33 35.97 8.43
CA THR C 176 42.46 35.46 9.80
C THR C 176 41.57 34.23 10.10
N ALA C 177 40.47 34.09 9.38
CA ALA C 177 39.52 33.01 9.67
C ALA C 177 40.12 31.65 9.34
N ALA C 178 39.90 30.69 10.23
CA ALA C 178 40.36 29.33 9.99
C ALA C 178 39.28 28.60 9.23
N TYR C 179 38.04 28.79 9.69
CA TYR C 179 36.87 28.17 9.07
C TYR C 179 35.87 29.25 8.73
N GLY C 180 34.85 28.89 7.96
CA GLY C 180 33.84 29.84 7.54
C GLY C 180 32.53 29.16 7.21
N LEU C 181 31.44 29.91 7.35
CA LEU C 181 30.10 29.36 7.19
C LEU C 181 29.20 30.51 6.78
N SER C 182 28.92 30.61 5.47
CA SER C 182 28.24 31.78 4.92
C SER C 182 26.84 31.43 4.49
N PHE C 183 25.92 32.31 4.82
CA PHE C 183 24.51 32.16 4.47
C PHE C 183 24.10 33.25 3.53
N THR C 184 23.50 32.88 2.40
CA THR C 184 23.00 33.86 1.46
C THR C 184 21.55 33.56 1.22
N MET C 185 20.69 34.56 1.36
CA MET C 185 19.26 34.39 1.14
C MET C 185 18.79 35.16 -0.06
N THR C 186 18.38 34.44 -1.10
CA THR C 186 17.80 35.06 -2.28
C THR C 186 16.28 35.04 -2.17
N PHE C 187 15.66 36.20 -2.30
CA PHE C 187 14.20 36.30 -2.23
C PHE C 187 13.59 36.34 -3.62
N THR C 188 12.31 35.99 -3.69
CA THR C 188 11.64 35.83 -4.98
C THR C 188 11.52 37.18 -5.71
N ASN C 189 11.31 38.26 -4.97
CA ASN C 189 11.46 39.64 -5.47
C ASN C 189 12.51 40.41 -4.62
N SER C 190 12.26 41.67 -4.29
CA SER C 190 13.12 42.39 -3.33
C SER C 190 12.82 41.90 -1.91
N PRO C 191 13.83 41.84 -1.02
CA PRO C 191 13.63 41.35 0.36
C PRO C 191 12.69 42.24 1.16
N PRO C 192 11.81 41.64 1.99
CA PRO C 192 10.85 42.51 2.65
C PRO C 192 11.46 43.26 3.84
N THR C 193 10.74 44.29 4.26
CA THR C 193 11.17 45.15 5.35
C THR C 193 11.27 44.39 6.66
N SER C 194 10.49 43.31 6.80
CA SER C 194 10.62 42.42 7.95
C SER C 194 10.19 40.99 7.58
N PHE C 195 10.77 40.01 8.26
CA PHE C 195 10.49 38.61 7.97
C PHE C 195 10.93 37.71 9.10
N GLY C 196 10.36 36.50 9.14
CA GLY C 196 10.81 35.44 10.01
C GLY C 196 10.72 34.14 9.24
N THR C 197 11.77 33.32 9.31
CA THR C 197 11.75 32.01 8.68
C THR C 197 11.33 30.94 9.69
N ASP C 198 10.83 29.83 9.16
CA ASP C 198 10.65 28.59 9.92
C ASP C 198 12.01 27.99 10.28
N LEU C 199 11.98 26.76 10.82
CA LEU C 199 13.20 26.04 11.24
C LEU C 199 13.68 25.12 10.12
N VAL C 200 14.96 25.22 9.84
CA VAL C 200 15.54 24.63 8.65
C VAL C 200 16.74 23.83 9.12
N GLN C 201 17.02 22.71 8.47
CA GLN C 201 18.10 21.86 8.93
C GLN C 201 19.09 21.54 7.81
N PHE C 202 20.35 21.32 8.18
CA PHE C 202 21.37 20.86 7.24
C PHE C 202 22.42 20.01 7.96
N GLY C 203 23.16 19.22 7.20
CA GLY C 203 24.24 18.41 7.74
C GLY C 203 25.45 18.64 6.86
N TYR C 204 26.64 18.62 7.48
CA TYR C 204 27.90 18.50 6.75
C TYR C 204 28.95 17.72 7.55
N LEU C 205 30.04 17.34 6.87
CA LEU C 205 31.15 16.60 7.48
C LEU C 205 32.01 17.51 8.37
N GLY C 206 32.18 17.15 9.65
CA GLY C 206 32.98 17.96 10.59
C GLY C 206 34.49 17.72 10.54
N GLN C 207 35.25 18.68 11.06
CA GLN C 207 36.72 18.62 11.07
C GLN C 207 37.22 17.68 12.18
N ASP C 208 38.36 17.03 11.91
CA ASP C 208 38.95 16.01 12.79
C ASP C 208 37.96 14.86 13.06
N LEU D 33 -2.17 -20.19 -24.50
CA LEU D 33 -3.42 -21.00 -24.53
C LEU D 33 -4.68 -20.20 -24.14
N VAL D 34 -5.67 -20.15 -25.06
CA VAL D 34 -7.03 -19.70 -24.74
C VAL D 34 -7.99 -20.88 -24.82
N TYR D 35 -8.74 -21.12 -23.74
CA TYR D 35 -9.64 -22.26 -23.67
C TYR D 35 -10.97 -21.93 -24.33
N PRO D 36 -11.71 -22.96 -24.79
CA PRO D 36 -13.05 -22.70 -25.29
C PRO D 36 -14.08 -22.50 -24.17
N THR D 37 -15.33 -22.30 -24.58
CA THR D 37 -16.42 -22.07 -23.67
C THR D 37 -17.53 -23.01 -24.09
N LEU D 38 -17.91 -23.91 -23.19
CA LEU D 38 -19.01 -24.82 -23.44
C LEU D 38 -20.24 -24.28 -22.75
N TRP D 39 -21.39 -24.41 -23.40
CA TRP D 39 -22.63 -23.90 -22.85
C TRP D 39 -23.87 -24.50 -23.51
N THR D 40 -25.03 -24.18 -22.94
CA THR D 40 -26.30 -24.61 -23.50
C THR D 40 -26.84 -23.58 -24.47
N GLY D 41 -26.09 -22.51 -24.70
CA GLY D 41 -26.57 -21.40 -25.51
C GLY D 41 -27.21 -20.37 -24.60
N PRO D 42 -27.35 -19.13 -25.09
CA PRO D 42 -27.80 -18.04 -24.23
C PRO D 42 -29.27 -18.14 -23.80
N ALA D 43 -30.14 -18.53 -24.73
CA ALA D 43 -31.57 -18.62 -24.47
C ALA D 43 -32.14 -19.92 -25.05
N PRO D 44 -31.83 -21.05 -24.41
CA PRO D 44 -32.26 -22.30 -24.99
C PRO D 44 -33.72 -22.56 -24.75
N GLU D 45 -34.26 -23.51 -25.50
CA GLU D 45 -35.61 -24.03 -25.31
C GLU D 45 -35.52 -25.18 -24.32
N ALA D 46 -36.66 -25.82 -24.04
CA ALA D 46 -36.70 -26.98 -23.15
C ALA D 46 -35.61 -27.96 -23.56
N ASN D 47 -34.73 -28.30 -22.62
CA ASN D 47 -33.58 -29.16 -22.90
C ASN D 47 -33.21 -30.15 -21.80
N VAL D 48 -34.02 -30.22 -20.74
CA VAL D 48 -33.76 -31.11 -19.64
C VAL D 48 -35.01 -31.89 -19.32
N THR D 49 -34.88 -33.21 -19.30
CA THR D 49 -35.97 -34.09 -18.91
C THR D 49 -35.62 -34.66 -17.54
N PHE D 50 -36.47 -34.40 -16.56
CA PHE D 50 -36.21 -34.81 -15.17
C PHE D 50 -36.53 -36.29 -14.96
N SER D 51 -35.77 -36.89 -14.06
CA SER D 51 -35.92 -38.29 -13.68
C SER D 51 -37.39 -38.68 -13.57
N GLY D 52 -37.79 -39.74 -14.27
CA GLY D 52 -39.17 -40.22 -14.25
C GLY D 52 -40.12 -39.51 -15.20
N GLU D 53 -39.59 -38.67 -16.10
CA GLU D 53 -40.42 -38.03 -17.12
C GLU D 53 -39.96 -38.38 -18.54
N ASN D 54 -40.92 -38.48 -19.47
CA ASN D 54 -40.62 -38.92 -20.83
C ASN D 54 -40.25 -37.76 -21.78
N SER D 55 -40.93 -36.62 -21.65
CA SER D 55 -40.57 -35.42 -22.42
C SER D 55 -39.64 -34.53 -21.64
N PRO D 56 -38.94 -33.62 -22.34
CA PRO D 56 -38.20 -32.58 -21.65
C PRO D 56 -39.17 -31.53 -21.10
N SER D 57 -39.06 -31.26 -19.81
CA SER D 57 -40.00 -30.38 -19.11
C SER D 57 -39.33 -29.19 -18.41
N GLY D 58 -38.01 -29.02 -18.60
CA GLY D 58 -37.26 -27.93 -17.99
C GLY D 58 -36.17 -27.34 -18.87
N ILE D 59 -35.76 -26.11 -18.57
CA ILE D 59 -34.72 -25.42 -19.32
C ILE D 59 -33.51 -25.27 -18.43
N LEU D 60 -32.36 -25.77 -18.88
CA LEU D 60 -31.09 -25.63 -18.16
C LEU D 60 -30.19 -24.68 -18.90
N ARG D 61 -29.77 -23.64 -18.20
CA ARG D 61 -28.83 -22.66 -18.73
C ARG D 61 -27.53 -22.86 -18.02
N LEU D 62 -26.60 -23.54 -18.69
CA LEU D 62 -25.29 -23.81 -18.14
C LEU D 62 -24.24 -23.28 -19.07
N CYS D 63 -23.19 -22.71 -18.47
CA CYS D 63 -22.06 -22.20 -19.24
C CYS D 63 -20.77 -22.27 -18.45
N LEU D 64 -19.82 -23.03 -18.98
CA LEU D 64 -18.48 -23.14 -18.41
C LEU D 64 -17.47 -22.32 -19.24
N SER D 65 -16.68 -21.51 -18.55
CA SER D 65 -15.56 -20.78 -19.14
C SER D 65 -14.36 -20.97 -18.24
N ARG D 66 -13.16 -20.86 -18.79
CA ARG D 66 -11.94 -21.12 -18.03
C ARG D 66 -10.92 -19.99 -18.15
N THR D 67 -10.18 -19.76 -17.07
CA THR D 67 -9.00 -18.90 -17.07
C THR D 67 -7.99 -19.55 -16.15
N GLY D 68 -6.75 -19.64 -16.60
CA GLY D 68 -5.71 -20.32 -15.83
C GLY D 68 -6.14 -21.72 -15.46
N GLY D 69 -6.11 -22.02 -14.16
CA GLY D 69 -6.49 -23.33 -13.67
C GLY D 69 -7.96 -23.47 -13.33
N THR D 70 -8.68 -22.34 -13.21
CA THR D 70 -10.06 -22.33 -12.71
C THR D 70 -11.11 -22.29 -13.83
N VAL D 71 -12.08 -23.20 -13.77
CA VAL D 71 -13.29 -23.13 -14.62
C VAL D 71 -14.39 -22.37 -13.88
N ILE D 72 -15.11 -21.48 -14.56
CA ILE D 72 -16.21 -20.76 -13.93
C ILE D 72 -17.52 -21.17 -14.54
N GLY D 73 -18.48 -21.42 -13.65
CA GLY D 73 -19.79 -21.91 -14.02
C GLY D 73 -20.86 -20.88 -13.73
N THR D 74 -21.82 -20.76 -14.62
CA THR D 74 -23.02 -19.99 -14.39
C THR D 74 -24.19 -20.90 -14.73
N LEU D 75 -25.19 -20.89 -13.85
CA LEU D 75 -26.28 -21.81 -13.90
C LEU D 75 -27.57 -21.11 -13.56
N SER D 76 -28.58 -21.34 -14.36
CA SER D 76 -29.94 -21.12 -13.91
C SER D 76 -30.80 -22.21 -14.52
N VAL D 77 -31.92 -22.49 -13.86
CA VAL D 77 -32.76 -23.59 -14.23
C VAL D 77 -34.20 -23.27 -13.92
N GLN D 78 -35.06 -23.52 -14.91
CA GLN D 78 -36.49 -23.43 -14.70
C GLN D 78 -37.11 -24.72 -15.20
N GLY D 79 -38.27 -25.09 -14.65
CA GLY D 79 -38.95 -26.29 -15.07
C GLY D 79 -40.42 -26.34 -14.71
N SER D 80 -41.01 -27.48 -15.00
CA SER D 80 -42.38 -27.75 -14.60
C SER D 80 -42.58 -29.26 -14.57
N LEU D 81 -43.02 -29.77 -13.43
CA LEU D 81 -43.27 -31.19 -13.29
C LEU D 81 -44.70 -31.48 -13.69
N THR D 82 -44.88 -32.30 -14.71
CA THR D 82 -46.20 -32.70 -15.21
C THR D 82 -46.93 -33.62 -14.20
N ASN D 83 -46.12 -34.25 -13.33
CA ASN D 83 -46.59 -35.00 -12.18
C ASN D 83 -46.19 -34.30 -10.85
N PRO D 84 -47.05 -34.42 -9.82
CA PRO D 84 -46.63 -33.97 -8.48
C PRO D 84 -45.67 -35.00 -7.82
N SER D 85 -44.38 -34.80 -7.99
CA SER D 85 -43.39 -35.83 -7.61
C SER D 85 -43.20 -35.95 -6.08
N THR D 86 -43.62 -37.10 -5.52
CA THR D 86 -43.43 -37.40 -4.08
C THR D 86 -41.95 -37.60 -3.75
N GLY D 87 -41.29 -36.49 -3.44
CA GLY D 87 -39.87 -36.47 -3.19
C GLY D 87 -39.43 -35.03 -3.11
N GLN D 88 -38.86 -34.65 -1.98
CA GLN D 88 -38.41 -33.26 -1.74
C GLN D 88 -37.24 -32.84 -2.64
N THR D 89 -36.44 -33.79 -3.11
CA THR D 89 -35.31 -33.46 -3.96
C THR D 89 -35.67 -33.65 -5.43
N LEU D 90 -34.79 -33.14 -6.29
CA LEU D 90 -34.96 -33.21 -7.74
C LEU D 90 -33.56 -33.19 -8.35
N GLY D 91 -33.21 -34.27 -9.03
CA GLY D 91 -31.85 -34.46 -9.50
C GLY D 91 -31.77 -34.32 -11.00
N MET D 92 -30.54 -34.20 -11.48
CA MET D 92 -30.29 -33.83 -12.87
C MET D 92 -28.77 -34.03 -13.08
N ASN D 93 -28.41 -35.12 -13.75
CA ASN D 93 -27.02 -35.50 -13.92
C ASN D 93 -26.54 -35.28 -15.34
N LEU D 94 -25.30 -34.80 -15.50
CA LEU D 94 -24.67 -34.67 -16.80
C LEU D 94 -23.49 -35.61 -16.86
N TYR D 95 -23.39 -36.35 -17.95
CA TYR D 95 -22.28 -37.28 -18.16
C TYR D 95 -21.55 -36.93 -19.45
N PHE D 96 -20.23 -36.79 -19.38
CA PHE D 96 -19.42 -36.41 -20.54
C PHE D 96 -18.40 -37.47 -20.95
N ASP D 97 -18.07 -37.48 -22.24
CA ASP D 97 -17.00 -38.34 -22.77
C ASP D 97 -15.65 -37.64 -22.62
N ALA D 98 -14.59 -38.25 -23.16
CA ALA D 98 -13.23 -37.75 -22.98
C ALA D 98 -13.03 -36.34 -23.54
N ASP D 99 -13.79 -36.02 -24.59
CA ASP D 99 -13.68 -34.72 -25.26
C ASP D 99 -14.66 -33.69 -24.75
N GLY D 100 -15.52 -34.07 -23.81
CA GLY D 100 -16.46 -33.12 -23.19
C GLY D 100 -17.85 -33.05 -23.78
N ASN D 101 -18.19 -33.95 -24.71
CA ASN D 101 -19.55 -34.03 -25.23
C ASN D 101 -20.47 -34.67 -24.20
N VAL D 102 -21.73 -34.25 -24.20
CA VAL D 102 -22.71 -34.82 -23.30
C VAL D 102 -23.21 -36.16 -23.85
N LEU D 103 -23.25 -37.18 -22.99
CA LEU D 103 -23.68 -38.51 -23.39
C LEU D 103 -25.18 -38.61 -23.31
N SER D 104 -25.74 -39.59 -24.02
CA SER D 104 -27.20 -39.71 -24.19
C SER D 104 -27.93 -39.86 -22.88
N GLU D 105 -27.34 -40.62 -21.96
CA GLU D 105 -27.99 -40.94 -20.68
C GLU D 105 -28.08 -39.76 -19.71
N SER D 106 -27.48 -38.63 -20.06
CA SER D 106 -27.63 -37.39 -19.29
C SER D 106 -29.06 -36.87 -19.33
N ASN D 107 -29.44 -36.05 -18.34
CA ASN D 107 -30.76 -35.41 -18.31
C ASN D 107 -30.88 -34.28 -19.35
N LEU D 108 -29.74 -33.78 -19.82
CA LEU D 108 -29.71 -32.71 -20.81
C LEU D 108 -29.76 -33.30 -22.20
N VAL D 109 -30.74 -32.90 -23.00
CA VAL D 109 -30.85 -33.39 -24.38
C VAL D 109 -29.54 -33.11 -25.12
N ARG D 110 -29.12 -34.09 -25.91
CA ARG D 110 -27.77 -34.14 -26.47
C ARG D 110 -27.46 -32.95 -27.40
N GLY D 111 -28.44 -32.59 -28.24
CA GLY D 111 -28.31 -31.47 -29.17
C GLY D 111 -28.11 -30.10 -28.56
N SER D 112 -28.37 -29.96 -27.26
CA SER D 112 -28.31 -28.66 -26.59
C SER D 112 -27.00 -28.35 -25.84
N TRP D 113 -25.89 -28.96 -26.25
CA TRP D 113 -24.60 -28.73 -25.61
C TRP D 113 -23.52 -28.53 -26.65
N GLY D 114 -22.78 -27.42 -26.56
CA GLY D 114 -21.76 -27.15 -27.57
C GLY D 114 -20.81 -26.02 -27.23
N MET D 115 -19.87 -25.78 -28.15
CA MET D 115 -18.91 -24.69 -28.01
C MET D 115 -19.60 -23.37 -28.31
N LYS D 116 -19.17 -22.32 -27.61
CA LYS D 116 -19.66 -20.98 -27.89
C LYS D 116 -18.97 -20.45 -29.12
N ASP D 117 -19.77 -19.96 -30.06
CA ASP D 117 -19.27 -19.08 -31.10
C ASP D 117 -20.31 -17.97 -31.18
N GLN D 118 -20.01 -16.83 -30.56
CA GLN D 118 -20.98 -15.75 -30.38
C GLN D 118 -22.23 -16.21 -29.63
N ASP D 119 -23.40 -16.15 -30.26
CA ASP D 119 -24.65 -16.52 -29.59
C ASP D 119 -25.17 -17.87 -30.09
N THR D 120 -24.26 -18.75 -30.51
CA THR D 120 -24.67 -20.05 -31.07
C THR D 120 -23.90 -21.22 -30.43
N LEU D 121 -24.32 -22.43 -30.80
CA LEU D 121 -23.67 -23.67 -30.37
C LEU D 121 -22.92 -24.23 -31.56
N VAL D 122 -21.72 -24.76 -31.33
CA VAL D 122 -21.04 -25.55 -32.34
C VAL D 122 -20.97 -26.98 -31.83
N THR D 123 -21.52 -27.90 -32.63
CA THR D 123 -21.86 -29.24 -32.15
C THR D 123 -20.66 -30.16 -31.97
N PRO D 124 -19.77 -30.28 -32.98
CA PRO D 124 -18.61 -31.12 -32.68
C PRO D 124 -17.65 -30.42 -31.68
N ILE D 125 -17.70 -30.81 -30.40
CA ILE D 125 -16.86 -30.17 -29.38
C ILE D 125 -15.41 -30.61 -29.50
N ALA D 126 -14.51 -29.63 -29.55
CA ALA D 126 -13.07 -29.88 -29.61
C ALA D 126 -12.41 -29.27 -28.38
N ASN D 127 -11.63 -30.08 -27.68
CA ASN D 127 -10.88 -29.64 -26.50
C ASN D 127 -11.76 -29.29 -25.30
N GLY D 128 -12.90 -29.96 -25.22
CA GLY D 128 -13.79 -29.78 -24.08
C GLY D 128 -13.19 -30.23 -22.76
N GLN D 129 -12.22 -31.15 -22.77
CA GLN D 129 -11.71 -31.71 -21.51
C GLN D 129 -11.25 -30.61 -20.57
N TYR D 130 -10.71 -29.53 -21.14
CA TYR D 130 -10.19 -28.41 -20.37
C TYR D 130 -11.19 -27.75 -19.41
N LEU D 131 -12.48 -27.90 -19.70
CA LEU D 131 -13.53 -27.32 -18.86
C LEU D 131 -14.17 -28.35 -17.94
N MET D 132 -13.65 -29.57 -17.96
CA MET D 132 -14.15 -30.65 -17.11
C MET D 132 -13.44 -30.63 -15.76
N PRO D 133 -14.05 -31.25 -14.74
CA PRO D 133 -13.44 -31.22 -13.43
C PRO D 133 -12.19 -32.09 -13.33
N ASN D 134 -11.17 -31.55 -12.70
CA ASN D 134 -9.87 -32.21 -12.57
C ASN D 134 -9.99 -33.58 -11.91
N LEU D 135 -9.49 -34.60 -12.59
CA LEU D 135 -9.65 -35.98 -12.14
C LEU D 135 -8.77 -36.36 -10.95
N THR D 136 -7.80 -35.51 -10.60
CA THR D 136 -6.98 -35.74 -9.42
C THR D 136 -7.62 -35.04 -8.21
N ALA D 137 -8.09 -33.82 -8.40
CA ALA D 137 -8.73 -33.05 -7.34
C ALA D 137 -10.07 -33.68 -6.97
N TYR D 138 -10.75 -34.16 -8.01
CA TYR D 138 -12.11 -34.65 -7.89
C TYR D 138 -12.16 -36.02 -8.54
N PRO D 139 -11.68 -37.05 -7.83
CA PRO D 139 -11.53 -38.37 -8.41
C PRO D 139 -12.86 -39.00 -8.75
N ARG D 140 -12.83 -39.92 -9.72
CA ARG D 140 -14.02 -40.52 -10.29
C ARG D 140 -14.66 -41.45 -9.29
N LEU D 141 -15.98 -41.39 -9.21
CA LEU D 141 -16.80 -42.36 -8.48
C LEU D 141 -16.61 -42.38 -6.96
N ILE D 142 -16.05 -41.31 -6.40
CA ILE D 142 -15.85 -41.23 -4.97
C ILE D 142 -16.76 -40.15 -4.40
N GLN D 143 -17.80 -40.63 -3.74
CA GLN D 143 -18.85 -39.77 -3.23
C GLN D 143 -18.55 -39.33 -1.80
N THR D 144 -17.58 -40.02 -1.17
CA THR D 144 -17.26 -39.82 0.24
C THR D 144 -16.38 -38.58 0.53
N LEU D 145 -15.92 -37.89 -0.51
CA LEU D 145 -15.07 -36.71 -0.35
C LEU D 145 -15.87 -35.43 -0.42
N THR D 146 -15.91 -34.67 0.68
CA THR D 146 -16.60 -33.38 0.68
C THR D 146 -15.93 -32.42 -0.29
N SER D 147 -14.61 -32.51 -0.40
CA SER D 147 -13.84 -31.68 -1.31
C SER D 147 -14.34 -31.70 -2.76
N SER D 148 -15.02 -32.78 -3.16
CA SER D 148 -15.56 -32.93 -4.52
C SER D 148 -16.97 -32.34 -4.73
N TYR D 149 -17.50 -31.62 -3.74
CA TYR D 149 -18.87 -31.05 -3.82
C TYR D 149 -18.88 -29.53 -3.66
N ILE D 150 -19.85 -28.89 -4.31
CA ILE D 150 -20.11 -27.44 -4.17
C ILE D 150 -21.56 -27.27 -3.73
N TYR D 151 -21.76 -26.80 -2.51
CA TYR D 151 -23.10 -26.48 -2.04
C TYR D 151 -23.33 -24.98 -2.22
N THR D 152 -24.39 -24.63 -2.93
CA THR D 152 -24.77 -23.24 -3.16
C THR D 152 -26.28 -23.15 -2.99
N GLN D 153 -26.87 -21.98 -3.23
CA GLN D 153 -28.32 -21.86 -3.17
C GLN D 153 -28.86 -20.85 -4.14
N ALA D 154 -30.08 -21.11 -4.63
CA ALA D 154 -30.75 -20.25 -5.60
C ALA D 154 -31.95 -19.62 -4.95
N HIS D 155 -32.52 -18.64 -5.62
CA HIS D 155 -33.78 -18.03 -5.20
C HIS D 155 -34.81 -18.35 -6.24
N LEU D 156 -36.04 -18.59 -5.81
CA LEU D 156 -37.09 -18.96 -6.72
C LEU D 156 -37.98 -17.76 -7.02
N ASP D 157 -38.43 -17.69 -8.26
CA ASP D 157 -39.39 -16.68 -8.74
C ASP D 157 -40.32 -16.08 -7.66
N HIS D 158 -41.32 -16.86 -7.25
CA HIS D 158 -42.35 -16.34 -6.35
C HIS D 158 -41.91 -16.49 -4.89
N ASN D 159 -42.24 -15.46 -4.10
CA ASN D 159 -41.73 -15.25 -2.75
C ASN D 159 -40.21 -15.05 -2.75
N ASN D 160 -39.63 -14.99 -1.56
CA ASN D 160 -38.25 -15.37 -1.38
C ASN D 160 -38.23 -16.77 -0.77
N SER D 161 -38.34 -17.76 -1.66
CA SER D 161 -38.13 -19.16 -1.32
C SER D 161 -36.76 -19.49 -1.87
N VAL D 162 -36.01 -20.30 -1.13
CA VAL D 162 -34.66 -20.66 -1.50
C VAL D 162 -34.59 -22.16 -1.83
N VAL D 163 -33.85 -22.50 -2.87
CA VAL D 163 -33.56 -23.89 -3.22
C VAL D 163 -32.11 -24.14 -2.90
N ASP D 164 -31.79 -25.27 -2.27
CA ASP D 164 -30.40 -25.67 -2.06
C ASP D 164 -29.91 -26.53 -3.22
N ILE D 165 -28.77 -26.18 -3.78
CA ILE D 165 -28.20 -26.92 -4.90
C ILE D 165 -26.87 -27.57 -4.52
N LYS D 166 -26.71 -28.85 -4.82
CA LYS D 166 -25.48 -29.58 -4.50
C LYS D 166 -24.87 -30.09 -5.78
N ILE D 167 -23.84 -29.40 -6.23
CA ILE D 167 -23.14 -29.77 -7.44
C ILE D 167 -22.07 -30.79 -7.08
N GLY D 168 -22.09 -31.96 -7.71
CA GLY D 168 -21.09 -33.00 -7.45
C GLY D 168 -20.15 -33.14 -8.63
N LEU D 169 -18.86 -32.95 -8.38
CA LEU D 169 -17.84 -33.01 -9.44
C LEU D 169 -17.27 -34.44 -9.55
N ASN D 170 -17.56 -35.09 -10.68
CA ASN D 170 -17.14 -36.47 -10.98
C ASN D 170 -17.67 -37.54 -10.04
N THR D 171 -18.66 -37.19 -9.23
CA THR D 171 -19.11 -38.06 -8.16
C THR D 171 -20.13 -39.09 -8.65
N ASP D 172 -21.12 -38.61 -9.41
CA ASP D 172 -22.17 -39.45 -9.97
C ASP D 172 -21.87 -39.69 -11.46
N LEU D 173 -21.55 -40.94 -11.78
CA LEU D 173 -21.03 -41.30 -13.09
C LEU D 173 -21.57 -42.65 -13.58
N ARG D 174 -21.76 -42.74 -14.89
CA ARG D 174 -22.04 -44.02 -15.53
C ARG D 174 -20.70 -44.55 -16.03
N PRO D 175 -20.61 -45.88 -16.26
CA PRO D 175 -19.35 -46.54 -16.62
C PRO D 175 -18.65 -45.93 -17.84
N THR D 176 -19.39 -45.73 -18.93
CA THR D 176 -18.87 -45.03 -20.11
C THR D 176 -18.31 -43.63 -19.81
N ALA D 177 -18.92 -42.91 -18.88
CA ALA D 177 -18.57 -41.52 -18.62
C ALA D 177 -17.10 -41.36 -18.27
N ALA D 178 -16.45 -40.33 -18.82
CA ALA D 178 -15.08 -39.97 -18.45
C ALA D 178 -15.11 -38.95 -17.33
N TYR D 179 -15.99 -37.96 -17.48
CA TYR D 179 -16.24 -36.95 -16.44
C TYR D 179 -17.73 -36.84 -16.16
N GLY D 180 -18.08 -36.14 -15.09
CA GLY D 180 -19.46 -35.96 -14.68
C GLY D 180 -19.70 -34.69 -13.89
N LEU D 181 -20.94 -34.24 -13.88
CA LEU D 181 -21.31 -33.01 -13.21
C LEU D 181 -22.77 -33.19 -12.81
N SER D 182 -23.03 -33.35 -11.51
CA SER D 182 -24.35 -33.73 -11.04
C SER D 182 -24.93 -32.64 -10.16
N PHE D 183 -26.22 -32.39 -10.33
CA PHE D 183 -26.91 -31.33 -9.62
C PHE D 183 -28.04 -31.96 -8.84
N THR D 184 -28.24 -31.54 -7.59
CA THR D 184 -29.30 -32.09 -6.78
C THR D 184 -29.96 -30.98 -5.99
N MET D 185 -31.13 -30.56 -6.46
CA MET D 185 -31.88 -29.49 -5.83
C MET D 185 -32.78 -30.03 -4.76
N THR D 186 -32.57 -29.63 -3.51
CA THR D 186 -33.50 -29.93 -2.44
C THR D 186 -34.40 -28.72 -2.19
N PHE D 187 -35.71 -28.97 -2.11
CA PHE D 187 -36.70 -27.91 -1.85
C PHE D 187 -37.03 -27.87 -0.36
N THR D 188 -37.43 -26.69 0.10
CA THR D 188 -37.75 -26.52 1.51
C THR D 188 -38.88 -27.48 1.91
N ASN D 189 -39.92 -27.58 1.05
CA ASN D 189 -41.01 -28.56 1.26
C ASN D 189 -41.07 -29.60 0.13
N SER D 190 -42.14 -29.55 -0.66
CA SER D 190 -42.31 -30.40 -1.83
C SER D 190 -42.09 -29.52 -3.03
N PRO D 191 -41.42 -30.04 -4.08
CA PRO D 191 -41.18 -29.24 -5.27
C PRO D 191 -42.49 -28.72 -5.83
N PRO D 192 -42.55 -27.43 -6.25
CA PRO D 192 -43.81 -26.94 -6.81
C PRO D 192 -44.05 -27.43 -8.23
N THR D 193 -45.26 -27.19 -8.73
CA THR D 193 -45.61 -27.53 -10.10
C THR D 193 -44.66 -26.81 -11.08
N SER D 194 -44.49 -25.49 -10.92
CA SER D 194 -43.54 -24.69 -11.71
C SER D 194 -42.46 -24.04 -10.86
N PHE D 195 -41.35 -23.68 -11.48
CA PHE D 195 -40.29 -22.93 -10.80
C PHE D 195 -39.23 -22.40 -11.76
N GLY D 196 -38.66 -21.23 -11.43
CA GLY D 196 -37.50 -20.66 -12.13
C GLY D 196 -36.50 -20.12 -11.11
N THR D 197 -35.21 -20.37 -11.31
CA THR D 197 -34.18 -19.86 -10.40
C THR D 197 -33.49 -18.66 -11.00
N ASP D 198 -32.81 -17.92 -10.12
CA ASP D 198 -31.92 -16.82 -10.48
C ASP D 198 -30.62 -17.39 -11.02
N LEU D 199 -29.66 -16.52 -11.33
CA LEU D 199 -28.41 -16.95 -11.94
C LEU D 199 -27.41 -17.18 -10.83
N VAL D 200 -26.90 -18.40 -10.76
CA VAL D 200 -25.98 -18.80 -9.71
C VAL D 200 -24.62 -19.14 -10.32
N GLN D 201 -23.56 -19.01 -9.53
CA GLN D 201 -22.21 -19.23 -10.07
C GLN D 201 -21.41 -20.20 -9.21
N PHE D 202 -20.42 -20.82 -9.85
CA PHE D 202 -19.49 -21.70 -9.14
C PHE D 202 -18.17 -21.82 -9.89
N GLY D 203 -17.08 -22.03 -9.16
CA GLY D 203 -15.77 -22.31 -9.73
C GLY D 203 -15.30 -23.70 -9.32
N TYR D 204 -14.52 -24.34 -10.19
CA TYR D 204 -13.74 -25.52 -9.80
C TYR D 204 -12.45 -25.66 -10.60
N LEU D 205 -11.57 -26.53 -10.14
CA LEU D 205 -10.31 -26.83 -10.84
C LEU D 205 -10.53 -27.65 -12.12
N GLY D 206 -9.90 -27.24 -13.19
CA GLY D 206 -10.15 -27.85 -14.49
C GLY D 206 -9.10 -28.89 -14.83
N GLN D 207 -9.46 -29.80 -15.73
CA GLN D 207 -8.58 -30.87 -16.18
C GLN D 207 -7.50 -30.39 -17.16
N ASP D 208 -6.24 -30.75 -16.85
CA ASP D 208 -5.03 -30.33 -17.59
C ASP D 208 -4.60 -28.90 -17.23
N LEU E 33 -8.55 -13.50 -28.91
CA LEU E 33 -9.20 -12.37 -28.20
C LEU E 33 -8.83 -12.32 -26.70
N VAL E 34 -8.46 -11.12 -26.25
CA VAL E 34 -8.31 -10.80 -24.81
C VAL E 34 -9.19 -9.58 -24.52
N TYR E 35 -10.21 -9.76 -23.68
CA TYR E 35 -11.18 -8.70 -23.44
C TYR E 35 -10.61 -7.67 -22.49
N PRO E 36 -11.16 -6.44 -22.51
CA PRO E 36 -10.76 -5.42 -21.55
C PRO E 36 -11.45 -5.57 -20.19
N THR E 37 -11.07 -4.70 -19.26
CA THR E 37 -11.63 -4.70 -17.93
C THR E 37 -12.17 -3.30 -17.68
N LEU E 38 -13.45 -3.21 -17.35
CA LEU E 38 -14.06 -1.94 -16.99
C LEU E 38 -14.14 -1.84 -15.47
N TRP E 39 -13.89 -0.66 -14.92
CA TRP E 39 -13.99 -0.48 -13.48
C TRP E 39 -14.15 0.96 -13.05
N THR E 40 -14.45 1.14 -11.77
CA THR E 40 -14.51 2.46 -11.14
C THR E 40 -13.13 2.91 -10.67
N GLY E 41 -12.12 2.09 -10.92
CA GLY E 41 -10.81 2.33 -10.37
C GLY E 41 -10.72 1.56 -9.06
N PRO E 42 -9.49 1.37 -8.54
CA PRO E 42 -9.24 0.54 -7.38
C PRO E 42 -9.69 1.15 -6.05
N ALA E 43 -9.33 2.41 -5.83
CA ALA E 43 -9.69 3.15 -4.62
C ALA E 43 -10.32 4.49 -4.99
N PRO E 44 -11.55 4.46 -5.52
CA PRO E 44 -12.17 5.66 -5.98
C PRO E 44 -12.69 6.50 -4.83
N GLU E 45 -12.91 7.78 -5.13
CA GLU E 45 -13.57 8.68 -4.20
C GLU E 45 -15.08 8.64 -4.41
N ALA E 46 -15.80 9.46 -3.64
CA ALA E 46 -17.25 9.52 -3.72
C ALA E 46 -17.65 9.64 -5.17
N ASN E 47 -18.35 8.64 -5.68
CA ASN E 47 -18.70 8.57 -7.09
C ASN E 47 -20.13 8.13 -7.40
N VAL E 48 -20.99 8.09 -6.38
CA VAL E 48 -22.36 7.64 -6.57
C VAL E 48 -23.34 8.50 -5.78
N THR E 49 -24.40 8.95 -6.45
CA THR E 49 -25.48 9.68 -5.81
C THR E 49 -26.65 8.73 -5.64
N PHE E 50 -27.25 8.72 -4.45
CA PHE E 50 -28.41 7.87 -4.22
C PHE E 50 -29.70 8.67 -4.47
N SER E 51 -30.65 8.00 -5.12
CA SER E 51 -31.99 8.55 -5.42
C SER E 51 -32.52 9.42 -4.27
N GLY E 52 -32.67 10.71 -4.54
CA GLY E 52 -33.13 11.70 -3.55
C GLY E 52 -32.02 12.58 -2.98
N GLU E 53 -30.76 12.31 -3.34
CA GLU E 53 -29.60 13.13 -2.91
C GLU E 53 -29.17 14.10 -4.03
N ASN E 54 -28.62 15.24 -3.65
CA ASN E 54 -28.11 16.22 -4.63
C ASN E 54 -26.59 16.14 -4.87
N SER E 55 -25.82 15.71 -3.86
CA SER E 55 -24.39 15.42 -4.04
C SER E 55 -24.12 13.92 -3.91
N PRO E 56 -23.05 13.42 -4.57
CA PRO E 56 -22.68 12.01 -4.43
C PRO E 56 -22.22 11.73 -2.99
N SER E 57 -22.86 10.73 -2.37
CA SER E 57 -22.75 10.50 -0.95
C SER E 57 -22.29 9.07 -0.66
N GLY E 58 -21.68 8.43 -1.67
CA GLY E 58 -21.26 7.04 -1.54
C GLY E 58 -20.16 6.64 -2.51
N ILE E 59 -19.59 5.46 -2.29
CA ILE E 59 -18.50 4.95 -3.11
C ILE E 59 -18.88 3.60 -3.67
N LEU E 60 -18.82 3.48 -4.99
CA LEU E 60 -19.08 2.23 -5.67
C LEU E 60 -17.78 1.69 -6.21
N ARG E 61 -17.35 0.55 -5.70
CA ARG E 61 -16.18 -0.15 -6.24
C ARG E 61 -16.72 -1.30 -7.07
N LEU E 62 -16.70 -1.11 -8.38
CA LEU E 62 -17.20 -2.10 -9.30
C LEU E 62 -16.11 -2.39 -10.29
N CYS E 63 -16.08 -3.64 -10.74
CA CYS E 63 -15.10 -4.04 -11.72
C CYS E 63 -15.56 -5.29 -12.44
N LEU E 64 -15.53 -5.22 -13.77
CA LEU E 64 -15.93 -6.32 -14.60
C LEU E 64 -14.73 -6.80 -15.39
N SER E 65 -14.51 -8.11 -15.41
CA SER E 65 -13.50 -8.74 -16.25
C SER E 65 -14.18 -9.90 -16.95
N ARG E 66 -13.56 -10.42 -17.99
CA ARG E 66 -14.18 -11.51 -18.75
C ARG E 66 -13.18 -12.55 -19.15
N THR E 67 -13.61 -13.80 -19.10
CA THR E 67 -12.89 -14.90 -19.70
C THR E 67 -13.91 -15.73 -20.43
N GLY E 68 -13.54 -16.20 -21.62
CA GLY E 68 -14.46 -16.96 -22.45
C GLY E 68 -15.75 -16.20 -22.66
N GLY E 69 -16.85 -16.79 -22.24
CA GLY E 69 -18.15 -16.16 -22.40
C GLY E 69 -18.67 -15.56 -21.12
N THR E 70 -17.90 -15.70 -20.04
CA THR E 70 -18.33 -15.23 -18.73
C THR E 70 -17.65 -13.94 -18.27
N VAL E 71 -18.48 -13.01 -17.80
CA VAL E 71 -18.03 -11.78 -17.17
C VAL E 71 -18.05 -11.99 -15.65
N ILE E 72 -16.91 -11.74 -14.99
CA ILE E 72 -16.81 -11.84 -13.52
C ILE E 72 -16.86 -10.46 -12.87
N GLY E 73 -17.79 -10.30 -11.93
CA GLY E 73 -18.03 -9.01 -11.29
C GLY E 73 -17.59 -9.01 -9.86
N THR E 74 -17.03 -7.89 -9.41
CA THR E 74 -16.75 -7.65 -8.00
C THR E 74 -17.37 -6.32 -7.60
N LEU E 75 -18.01 -6.31 -6.43
CA LEU E 75 -18.77 -5.17 -5.96
C LEU E 75 -18.52 -4.92 -4.49
N SER E 76 -18.29 -3.67 -4.14
CA SER E 76 -18.45 -3.26 -2.76
C SER E 76 -18.95 -1.83 -2.72
N VAL E 77 -19.93 -1.57 -1.87
CA VAL E 77 -20.54 -0.25 -1.77
C VAL E 77 -20.32 0.32 -0.41
N GLN E 78 -20.35 1.63 -0.33
CA GLN E 78 -20.37 2.29 0.94
C GLN E 78 -20.99 3.66 0.73
N GLY E 79 -21.69 4.14 1.73
CA GLY E 79 -22.27 5.47 1.63
C GLY E 79 -22.72 6.02 2.95
N SER E 80 -23.32 7.19 2.88
CA SER E 80 -24.01 7.76 4.02
C SER E 80 -25.14 8.63 3.51
N LEU E 81 -26.35 8.36 3.98
CA LEU E 81 -27.52 9.14 3.57
C LEU E 81 -27.62 10.41 4.42
N THR E 82 -27.57 11.57 3.76
CA THR E 82 -27.70 12.87 4.43
C THR E 82 -29.10 13.04 5.06
N ASN E 83 -30.08 12.30 4.54
CA ASN E 83 -31.40 12.19 5.15
C ASN E 83 -31.68 10.76 5.64
N PRO E 84 -32.49 10.63 6.72
CA PRO E 84 -32.95 9.30 7.13
C PRO E 84 -34.06 8.78 6.19
N SER E 85 -33.65 8.12 5.10
CA SER E 85 -34.55 7.73 4.01
C SER E 85 -35.76 6.89 4.45
N THR E 86 -36.97 7.39 4.18
CA THR E 86 -38.20 6.66 4.49
C THR E 86 -38.44 5.56 3.45
N GLY E 87 -37.84 4.39 3.69
CA GLY E 87 -37.92 3.25 2.76
C GLY E 87 -36.82 2.23 3.04
N GLN E 88 -37.19 0.94 3.05
CA GLN E 88 -36.24 -0.13 3.44
C GLN E 88 -35.20 -0.39 2.38
N THR E 89 -35.59 -0.35 1.12
CA THR E 89 -34.64 -0.63 0.04
C THR E 89 -33.95 0.64 -0.45
N LEU E 90 -32.89 0.45 -1.20
CA LEU E 90 -32.07 1.54 -1.73
C LEU E 90 -31.42 1.05 -3.01
N GLY E 91 -31.59 1.81 -4.08
CA GLY E 91 -31.17 1.34 -5.39
C GLY E 91 -30.21 2.26 -6.09
N MET E 92 -29.45 1.66 -7.01
CA MET E 92 -28.66 2.43 -7.94
C MET E 92 -28.57 1.68 -9.26
N ASN E 93 -28.81 2.41 -10.34
CA ASN E 93 -28.87 1.85 -11.67
C ASN E 93 -27.72 2.34 -12.53
N LEU E 94 -27.14 1.41 -13.27
CA LEU E 94 -26.11 1.76 -14.23
C LEU E 94 -26.68 1.53 -15.62
N TYR E 95 -26.73 2.60 -16.42
CA TYR E 95 -27.20 2.56 -17.80
C TYR E 95 -26.01 2.71 -18.77
N PHE E 96 -25.94 1.90 -19.83
CA PHE E 96 -24.80 1.92 -20.74
C PHE E 96 -25.14 2.13 -22.21
N ASP E 97 -24.25 2.82 -22.94
CA ASP E 97 -24.38 2.97 -24.38
C ASP E 97 -23.83 1.75 -25.10
N ALA E 98 -23.75 1.80 -26.43
CA ALA E 98 -23.32 0.65 -27.21
C ALA E 98 -21.89 0.21 -26.87
N ASP E 99 -21.04 1.18 -26.53
CA ASP E 99 -19.62 0.94 -26.25
C ASP E 99 -19.32 0.72 -24.78
N GLY E 100 -20.33 0.65 -23.94
CA GLY E 100 -20.14 0.35 -22.53
C GLY E 100 -19.82 1.53 -21.62
N ASN E 101 -19.94 2.77 -22.11
CA ASN E 101 -19.85 3.95 -21.24
C ASN E 101 -21.14 4.18 -20.46
N VAL E 102 -20.98 4.75 -19.27
CA VAL E 102 -22.10 5.07 -18.40
C VAL E 102 -22.81 6.32 -18.89
N LEU E 103 -24.14 6.26 -19.05
CA LEU E 103 -24.94 7.44 -19.41
C LEU E 103 -25.10 8.38 -18.21
N SER E 104 -25.27 9.66 -18.49
CA SER E 104 -25.33 10.66 -17.42
C SER E 104 -26.40 10.34 -16.38
N GLU E 105 -27.55 9.83 -16.82
CA GLU E 105 -28.67 9.54 -15.92
C GLU E 105 -28.46 8.35 -14.95
N SER E 106 -27.34 7.64 -15.07
CA SER E 106 -26.96 6.65 -14.08
C SER E 106 -26.65 7.31 -12.74
N ASN E 107 -26.79 6.54 -11.66
CA ASN E 107 -26.44 6.98 -10.30
C ASN E 107 -24.92 7.19 -10.12
N LEU E 108 -24.13 6.52 -10.95
CA LEU E 108 -22.67 6.64 -10.95
C LEU E 108 -22.25 7.86 -11.75
N VAL E 109 -21.33 8.65 -11.19
CA VAL E 109 -20.71 9.77 -11.92
C VAL E 109 -19.83 9.17 -13.01
N ARG E 110 -20.04 9.62 -14.25
CA ARG E 110 -19.37 8.99 -15.40
C ARG E 110 -17.87 9.34 -15.51
N GLY E 111 -17.45 10.40 -14.82
CA GLY E 111 -16.03 10.62 -14.56
C GLY E 111 -15.32 9.41 -13.95
N SER E 112 -16.06 8.55 -13.24
CA SER E 112 -15.47 7.42 -12.52
C SER E 112 -15.75 6.04 -13.14
N TRP E 113 -15.67 5.95 -14.46
CA TRP E 113 -15.86 4.65 -15.11
C TRP E 113 -15.08 4.57 -16.39
N GLY E 114 -14.16 3.61 -16.46
CA GLY E 114 -13.32 3.44 -17.63
C GLY E 114 -12.63 2.09 -17.68
N MET E 115 -11.78 1.94 -18.68
CA MET E 115 -11.00 0.73 -18.87
C MET E 115 -9.87 0.72 -17.89
N LYS E 116 -9.41 -0.47 -17.51
CA LYS E 116 -8.28 -0.59 -16.59
C LYS E 116 -6.98 -0.52 -17.34
N ASP E 117 -6.10 0.37 -16.91
CA ASP E 117 -4.71 0.30 -17.30
C ASP E 117 -3.94 0.43 -16.00
N GLN E 118 -3.31 -0.65 -15.58
CA GLN E 118 -2.64 -0.70 -14.29
C GLN E 118 -3.61 -0.26 -13.17
N ASP E 119 -3.24 0.73 -12.35
CA ASP E 119 -4.12 1.17 -11.25
C ASP E 119 -5.00 2.39 -11.62
N THR E 120 -5.21 2.64 -12.92
CA THR E 120 -5.89 3.86 -13.38
C THR E 120 -7.06 3.55 -14.31
N LEU E 121 -7.86 4.58 -14.60
CA LEU E 121 -8.93 4.52 -15.62
C LEU E 121 -8.47 5.13 -16.93
N VAL E 122 -8.95 4.59 -18.05
CA VAL E 122 -8.78 5.27 -19.34
C VAL E 122 -10.18 5.62 -19.84
N THR E 123 -10.41 6.92 -20.04
CA THR E 123 -11.76 7.47 -20.11
C THR E 123 -12.50 7.30 -21.44
N PRO E 124 -11.81 7.40 -22.61
CA PRO E 124 -12.53 6.91 -23.79
C PRO E 124 -12.58 5.36 -23.80
N ILE E 125 -13.76 4.77 -23.55
CA ILE E 125 -13.89 3.30 -23.55
C ILE E 125 -14.10 2.76 -24.97
N ALA E 126 -13.30 1.76 -25.31
CA ALA E 126 -13.42 1.04 -26.58
C ALA E 126 -13.66 -0.44 -26.31
N ASN E 127 -14.64 -1.02 -26.99
CA ASN E 127 -14.95 -2.45 -26.87
C ASN E 127 -15.53 -2.84 -25.54
N GLY E 128 -16.24 -1.91 -24.89
CA GLY E 128 -16.89 -2.22 -23.63
C GLY E 128 -18.03 -3.22 -23.75
N GLN E 129 -18.59 -3.37 -24.94
CA GLN E 129 -19.78 -4.22 -25.07
C GLN E 129 -19.54 -5.65 -24.59
N TYR E 130 -18.31 -6.13 -24.76
CA TYR E 130 -17.95 -7.50 -24.41
C TYR E 130 -18.13 -7.81 -22.95
N LEU E 131 -18.22 -6.77 -22.11
CA LEU E 131 -18.44 -6.94 -20.68
C LEU E 131 -19.86 -6.71 -20.25
N MET E 132 -20.68 -6.22 -21.15
CA MET E 132 -22.09 -5.99 -20.84
C MET E 132 -22.88 -7.30 -20.88
N PRO E 133 -24.04 -7.35 -20.21
CA PRO E 133 -24.84 -8.56 -20.19
C PRO E 133 -25.44 -8.91 -21.54
N ASN E 134 -25.29 -10.18 -21.93
CA ASN E 134 -25.77 -10.69 -23.20
C ASN E 134 -27.23 -10.32 -23.42
N LEU E 135 -27.50 -9.67 -24.54
CA LEU E 135 -28.84 -9.21 -24.83
C LEU E 135 -29.83 -10.32 -25.13
N THR E 136 -29.37 -11.51 -25.47
CA THR E 136 -30.27 -12.63 -25.76
C THR E 136 -30.67 -13.36 -24.49
N ALA E 137 -29.71 -13.56 -23.60
CA ALA E 137 -29.94 -14.33 -22.39
C ALA E 137 -30.76 -13.53 -21.39
N TYR E 138 -30.42 -12.24 -21.31
CA TYR E 138 -31.03 -11.31 -20.38
C TYR E 138 -31.67 -10.24 -21.24
N PRO E 139 -32.86 -10.53 -21.79
CA PRO E 139 -33.52 -9.62 -22.71
C PRO E 139 -33.79 -8.27 -22.11
N ARG E 140 -33.72 -7.27 -22.97
CA ARG E 140 -33.82 -5.88 -22.61
C ARG E 140 -35.21 -5.55 -22.06
N LEU E 141 -35.22 -4.91 -20.90
CA LEU E 141 -36.43 -4.32 -20.35
C LEU E 141 -37.48 -5.34 -19.86
N ILE E 142 -37.12 -6.62 -19.78
CA ILE E 142 -38.06 -7.65 -19.33
C ILE E 142 -37.74 -8.06 -17.91
N GLN E 143 -38.64 -7.75 -17.00
CA GLN E 143 -38.36 -7.88 -15.58
C GLN E 143 -38.92 -9.14 -14.96
N THR E 144 -39.83 -9.81 -15.65
CA THR E 144 -40.56 -10.93 -15.07
C THR E 144 -39.83 -12.26 -15.22
N LEU E 145 -38.60 -12.25 -15.74
CA LEU E 145 -37.81 -13.47 -15.85
C LEU E 145 -36.78 -13.53 -14.74
N THR E 146 -36.89 -14.53 -13.86
CA THR E 146 -35.93 -14.70 -12.77
C THR E 146 -34.52 -14.91 -13.29
N SER E 147 -34.41 -15.66 -14.38
CA SER E 147 -33.13 -15.98 -15.00
C SER E 147 -32.24 -14.77 -15.27
N SER E 148 -32.85 -13.59 -15.31
CA SER E 148 -32.16 -12.32 -15.58
C SER E 148 -31.69 -11.61 -14.32
N TYR E 149 -31.78 -12.27 -13.16
CA TYR E 149 -31.42 -11.65 -11.90
C TYR E 149 -30.36 -12.45 -11.15
N ILE E 150 -29.64 -11.76 -10.28
CA ILE E 150 -28.68 -12.40 -9.37
C ILE E 150 -28.98 -11.89 -7.95
N TYR E 151 -29.36 -12.80 -7.06
CA TYR E 151 -29.58 -12.47 -5.65
C TYR E 151 -28.37 -12.95 -4.88
N THR E 152 -27.62 -12.02 -4.30
CA THR E 152 -26.46 -12.34 -3.46
C THR E 152 -26.62 -11.55 -2.16
N GLN E 153 -25.76 -11.76 -1.16
CA GLN E 153 -25.84 -10.93 0.03
C GLN E 153 -24.49 -10.45 0.58
N ALA E 154 -24.49 -9.19 1.03
CA ALA E 154 -23.29 -8.55 1.54
C ALA E 154 -23.37 -8.46 3.06
N HIS E 155 -22.23 -8.46 3.74
CA HIS E 155 -22.17 -8.21 5.16
C HIS E 155 -21.85 -6.75 5.41
N LEU E 156 -22.30 -6.23 6.54
CA LEU E 156 -22.07 -4.83 6.87
C LEU E 156 -21.11 -4.71 8.03
N ASP E 157 -20.30 -3.66 7.96
CA ASP E 157 -19.38 -3.25 9.01
C ASP E 157 -19.74 -3.65 10.46
N HIS E 158 -20.76 -2.99 11.02
CA HIS E 158 -21.06 -3.07 12.46
C HIS E 158 -22.01 -4.25 12.78
N ASN E 159 -21.62 -5.03 13.80
CA ASN E 159 -22.16 -6.37 14.04
C ASN E 159 -22.04 -7.22 12.77
N ASN E 160 -22.79 -8.32 12.71
CA ASN E 160 -23.04 -8.93 11.40
C ASN E 160 -24.51 -8.76 11.01
N SER E 161 -24.80 -7.55 10.54
CA SER E 161 -26.04 -7.27 9.83
C SER E 161 -25.73 -7.65 8.39
N VAL E 162 -26.73 -8.17 7.70
CA VAL E 162 -26.58 -8.55 6.32
C VAL E 162 -27.57 -7.77 5.47
N VAL E 163 -27.19 -7.51 4.22
CA VAL E 163 -28.02 -6.78 3.29
C VAL E 163 -28.14 -7.61 2.03
N ASP E 164 -29.36 -7.80 1.55
CA ASP E 164 -29.59 -8.56 0.33
C ASP E 164 -29.41 -7.65 -0.86
N ILE E 165 -28.53 -8.05 -1.76
CA ILE E 165 -28.34 -7.34 -3.01
C ILE E 165 -28.99 -8.10 -4.16
N LYS E 166 -29.73 -7.37 -5.00
CA LYS E 166 -30.38 -7.94 -6.16
C LYS E 166 -29.85 -7.21 -7.40
N ILE E 167 -29.12 -7.94 -8.22
CA ILE E 167 -28.57 -7.38 -9.45
C ILE E 167 -29.45 -7.76 -10.64
N GLY E 168 -29.89 -6.74 -11.39
CA GLY E 168 -30.75 -6.93 -12.55
C GLY E 168 -30.01 -6.73 -13.85
N LEU E 169 -29.95 -7.78 -14.66
CA LEU E 169 -29.28 -7.75 -15.95
C LEU E 169 -30.25 -7.25 -17.02
N ASN E 170 -29.98 -6.07 -17.55
CA ASN E 170 -30.79 -5.44 -18.60
C ASN E 170 -32.27 -5.31 -18.25
N THR E 171 -32.60 -5.27 -16.96
CA THR E 171 -33.99 -5.26 -16.55
C THR E 171 -34.52 -3.84 -16.43
N ASP E 172 -33.75 -2.98 -15.78
CA ASP E 172 -34.11 -1.59 -15.59
C ASP E 172 -33.27 -0.76 -16.52
N LEU E 173 -33.94 -0.07 -17.44
CA LEU E 173 -33.27 0.65 -18.53
C LEU E 173 -34.00 1.92 -18.90
N ARG E 174 -33.32 2.72 -19.69
CA ARG E 174 -33.80 4.01 -20.13
C ARG E 174 -33.95 3.89 -21.66
N PRO E 175 -34.86 4.64 -22.29
CA PRO E 175 -35.01 4.45 -23.73
C PRO E 175 -33.71 4.57 -24.54
N THR E 176 -32.78 5.40 -24.07
CA THR E 176 -31.51 5.68 -24.71
C THR E 176 -30.42 4.63 -24.45
N ALA E 177 -30.63 3.75 -23.47
CA ALA E 177 -29.59 2.83 -23.03
C ALA E 177 -29.61 1.53 -23.82
N ALA E 178 -28.43 0.99 -24.10
CA ALA E 178 -28.30 -0.26 -24.83
C ALA E 178 -28.32 -1.45 -23.89
N TYR E 179 -27.55 -1.35 -22.81
CA TYR E 179 -27.49 -2.37 -21.78
C TYR E 179 -27.66 -1.71 -20.41
N GLY E 180 -28.01 -2.52 -19.40
CA GLY E 180 -28.24 -2.03 -18.05
C GLY E 180 -27.80 -2.98 -16.95
N LEU E 181 -27.57 -2.43 -15.77
CA LEU E 181 -27.04 -3.19 -14.64
C LEU E 181 -27.47 -2.51 -13.33
N SER E 182 -28.54 -3.02 -12.72
CA SER E 182 -29.20 -2.32 -11.63
C SER E 182 -28.93 -3.04 -10.33
N PHE E 183 -28.67 -2.29 -9.27
CA PHE E 183 -28.36 -2.84 -7.98
C PHE E 183 -29.36 -2.36 -6.94
N THR E 184 -30.13 -3.28 -6.38
CA THR E 184 -31.11 -2.96 -5.34
C THR E 184 -30.70 -3.61 -4.04
N MET E 185 -30.72 -2.85 -2.96
CA MET E 185 -30.29 -3.36 -1.66
C MET E 185 -31.40 -3.29 -0.66
N THR E 186 -31.73 -4.41 -0.03
CA THR E 186 -32.77 -4.41 1.01
C THR E 186 -32.20 -4.69 2.38
N PHE E 187 -32.49 -3.79 3.32
CA PHE E 187 -31.96 -3.89 4.68
C PHE E 187 -32.97 -4.57 5.58
N THR E 188 -32.44 -5.25 6.60
CA THR E 188 -33.25 -6.06 7.50
C THR E 188 -34.33 -5.22 8.17
N ASN E 189 -34.06 -3.93 8.39
CA ASN E 189 -35.12 -2.97 8.75
C ASN E 189 -34.99 -1.65 7.96
N SER E 190 -34.58 -0.57 8.64
CA SER E 190 -34.41 0.74 8.01
C SER E 190 -32.92 0.97 7.77
N PRO E 191 -32.54 1.52 6.60
CA PRO E 191 -31.09 1.68 6.27
C PRO E 191 -30.37 2.54 7.30
N PRO E 192 -29.09 2.23 7.59
CA PRO E 192 -28.41 3.11 8.54
C PRO E 192 -27.93 4.38 7.86
N THR E 193 -27.69 5.40 8.68
CA THR E 193 -27.20 6.67 8.20
C THR E 193 -25.83 6.51 7.54
N SER E 194 -25.08 5.48 7.93
CA SER E 194 -23.75 5.21 7.37
C SER E 194 -23.47 3.71 7.30
N PHE E 195 -22.78 3.28 6.24
CA PHE E 195 -22.52 1.85 6.04
C PHE E 195 -21.43 1.54 4.99
N GLY E 196 -20.74 0.41 5.19
CA GLY E 196 -19.80 -0.15 4.22
C GLY E 196 -20.06 -1.64 4.12
N THR E 197 -20.13 -2.15 2.89
CA THR E 197 -20.25 -3.60 2.64
C THR E 197 -18.89 -4.26 2.45
N ASP E 198 -18.87 -5.59 2.53
CA ASP E 198 -17.70 -6.38 2.20
C ASP E 198 -17.60 -6.50 0.67
N LEU E 199 -16.72 -7.37 0.20
CA LEU E 199 -16.54 -7.54 -1.22
C LEU E 199 -17.36 -8.72 -1.68
N VAL E 200 -18.12 -8.50 -2.73
CA VAL E 200 -19.09 -9.46 -3.21
C VAL E 200 -18.84 -9.74 -4.69
N GLN E 201 -19.08 -10.96 -5.12
CA GLN E 201 -18.81 -11.32 -6.51
C GLN E 201 -20.03 -11.87 -7.19
N PHE E 202 -19.99 -11.91 -8.51
CA PHE E 202 -21.10 -12.40 -9.31
C PHE E 202 -20.66 -12.60 -10.76
N GLY E 203 -21.20 -13.60 -11.43
CA GLY E 203 -20.88 -13.88 -12.84
C GLY E 203 -22.14 -13.75 -13.67
N TYR E 204 -21.97 -13.34 -14.93
CA TYR E 204 -23.05 -13.41 -15.92
C TYR E 204 -22.52 -13.60 -17.33
N LEU E 205 -23.40 -13.93 -18.29
CA LEU E 205 -22.99 -14.17 -19.69
C LEU E 205 -22.74 -12.87 -20.47
N GLY E 206 -21.60 -12.78 -21.15
CA GLY E 206 -21.21 -11.54 -21.82
C GLY E 206 -21.85 -11.37 -23.18
N GLN E 207 -21.80 -10.16 -23.72
CA GLN E 207 -22.38 -9.85 -25.01
C GLN E 207 -21.34 -10.08 -26.10
N ASP E 208 -21.76 -10.75 -27.18
CA ASP E 208 -20.87 -11.31 -28.23
C ASP E 208 -19.99 -12.43 -27.69
N LEU F 33 -0.46 -10.80 -23.04
CA LEU F 33 0.05 -11.44 -21.80
C LEU F 33 -1.02 -12.26 -21.06
N VAL F 34 -0.64 -13.45 -20.57
CA VAL F 34 -1.52 -14.30 -19.74
C VAL F 34 -0.86 -14.64 -18.40
N TYR F 35 -1.66 -14.61 -17.34
CA TYR F 35 -1.14 -14.69 -15.98
C TYR F 35 -0.94 -16.14 -15.55
N PRO F 36 -0.02 -16.36 -14.58
CA PRO F 36 0.17 -17.70 -14.09
C PRO F 36 -0.91 -18.07 -13.11
N THR F 37 -0.96 -19.34 -12.74
CA THR F 37 -1.88 -19.81 -11.70
C THR F 37 -1.05 -20.30 -10.55
N LEU F 38 -1.41 -19.85 -9.36
CA LEU F 38 -0.74 -20.27 -8.14
C LEU F 38 -1.69 -21.17 -7.38
N TRP F 39 -1.15 -22.26 -6.84
CA TRP F 39 -1.99 -23.20 -6.11
C TRP F 39 -1.20 -24.09 -5.15
N THR F 40 -1.94 -24.70 -4.21
CA THR F 40 -1.39 -25.73 -3.33
C THR F 40 -1.28 -27.06 -4.07
N GLY F 41 -1.72 -27.09 -5.31
CA GLY F 41 -1.74 -28.31 -6.08
C GLY F 41 -3.15 -28.85 -6.05
N PRO F 42 -3.43 -29.83 -6.91
CA PRO F 42 -4.78 -30.33 -7.05
C PRO F 42 -5.23 -31.19 -5.89
N ALA F 43 -4.33 -32.05 -5.37
CA ALA F 43 -4.67 -32.98 -4.32
C ALA F 43 -3.51 -33.10 -3.34
N PRO F 44 -3.32 -32.03 -2.54
CA PRO F 44 -2.25 -31.99 -1.59
C PRO F 44 -2.51 -32.85 -0.38
N GLU F 45 -1.45 -33.21 0.33
CA GLU F 45 -1.55 -33.86 1.63
C GLU F 45 -1.54 -32.78 2.71
N ALA F 46 -1.36 -33.16 3.97
CA ALA F 46 -1.33 -32.20 5.07
C ALA F 46 -0.29 -31.13 4.80
N ASN F 47 -0.73 -29.88 4.75
CA ASN F 47 0.16 -28.76 4.43
C ASN F 47 -0.06 -27.54 5.30
N VAL F 48 -0.96 -27.64 6.27
CA VAL F 48 -1.26 -26.54 7.18
C VAL F 48 -1.03 -26.93 8.63
N THR F 49 -0.33 -26.07 9.35
CA THR F 49 -0.19 -26.18 10.79
C THR F 49 -1.06 -25.12 11.40
N PHE F 50 -2.01 -25.53 12.25
CA PHE F 50 -2.90 -24.56 12.88
C PHE F 50 -2.25 -23.92 14.08
N SER F 51 -2.69 -22.69 14.35
CA SER F 51 -2.34 -21.94 15.55
C SER F 51 -2.27 -22.83 16.81
N GLY F 52 -1.10 -22.85 17.44
CA GLY F 52 -0.91 -23.65 18.67
C GLY F 52 -0.90 -25.15 18.47
N GLU F 53 -0.60 -25.59 17.24
CA GLU F 53 -0.49 -27.02 16.94
C GLU F 53 0.98 -27.33 16.62
N ASN F 54 1.42 -28.53 16.97
CA ASN F 54 2.83 -28.93 16.82
C ASN F 54 3.23 -29.26 15.36
N SER F 55 2.51 -30.17 14.72
CA SER F 55 2.76 -30.60 13.32
C SER F 55 1.60 -30.21 12.40
N PRO F 56 1.74 -30.44 11.08
CA PRO F 56 0.63 -30.06 10.20
C PRO F 56 -0.53 -31.05 10.30
N SER F 57 -1.74 -30.51 10.47
CA SER F 57 -2.91 -31.33 10.71
C SER F 57 -4.09 -30.88 9.85
N GLY F 58 -3.79 -30.22 8.74
CA GLY F 58 -4.82 -29.63 7.90
C GLY F 58 -4.44 -29.58 6.43
N ILE F 59 -5.45 -29.64 5.57
CA ILE F 59 -5.24 -29.69 4.14
C ILE F 59 -5.89 -28.49 3.49
N LEU F 60 -5.04 -27.58 3.03
CA LEU F 60 -5.49 -26.41 2.31
C LEU F 60 -5.45 -26.68 0.84
N ARG F 61 -6.61 -26.56 0.21
CA ARG F 61 -6.71 -26.60 -1.23
C ARG F 61 -7.08 -25.21 -1.71
N LEU F 62 -6.09 -24.47 -2.16
CA LEU F 62 -6.26 -23.10 -2.56
C LEU F 62 -5.67 -22.97 -3.94
N CYS F 63 -6.36 -22.21 -4.79
CA CYS F 63 -5.89 -21.97 -6.14
C CYS F 63 -6.41 -20.65 -6.67
N LEU F 64 -5.47 -19.81 -7.08
CA LEU F 64 -5.75 -18.48 -7.59
C LEU F 64 -5.44 -18.43 -9.07
N SER F 65 -6.41 -18.01 -9.86
CA SER F 65 -6.22 -17.80 -11.29
C SER F 65 -6.63 -16.36 -11.56
N ARG F 66 -6.33 -15.84 -12.74
CA ARG F 66 -6.71 -14.46 -13.08
C ARG F 66 -7.13 -14.27 -14.55
N THR F 67 -8.08 -13.37 -14.73
CA THR F 67 -8.47 -12.88 -16.03
C THR F 67 -8.66 -11.38 -15.89
N GLY F 68 -8.18 -10.61 -16.87
CA GLY F 68 -8.25 -9.17 -16.78
C GLY F 68 -7.76 -8.65 -15.45
N GLY F 69 -8.57 -7.86 -14.77
CA GLY F 69 -8.18 -7.29 -13.48
C GLY F 69 -8.56 -8.08 -12.25
N THR F 70 -9.29 -9.20 -12.44
CA THR F 70 -9.87 -9.95 -11.34
C THR F 70 -9.16 -11.30 -11.06
N VAL F 71 -8.91 -11.58 -9.79
CA VAL F 71 -8.33 -12.84 -9.34
C VAL F 71 -9.43 -13.70 -8.79
N ILE F 72 -9.51 -14.95 -9.24
CA ILE F 72 -10.55 -15.89 -8.81
C ILE F 72 -9.92 -16.99 -7.97
N GLY F 73 -10.47 -17.19 -6.77
CA GLY F 73 -9.94 -18.17 -5.83
C GLY F 73 -10.88 -19.33 -5.59
N THR F 74 -10.32 -20.53 -5.50
CA THR F 74 -11.10 -21.66 -5.02
C THR F 74 -10.44 -22.20 -3.77
N LEU F 75 -11.30 -22.53 -2.80
CA LEU F 75 -10.86 -22.94 -1.48
C LEU F 75 -11.68 -24.11 -0.97
N SER F 76 -11.00 -25.07 -0.36
CA SER F 76 -11.65 -26.07 0.50
C SER F 76 -10.63 -26.45 1.57
N VAL F 77 -11.11 -26.78 2.75
CA VAL F 77 -10.25 -27.01 3.89
C VAL F 77 -10.70 -28.25 4.60
N GLN F 78 -9.74 -29.05 5.01
CA GLN F 78 -10.01 -30.21 5.84
C GLN F 78 -8.97 -30.20 6.94
N GLY F 79 -9.39 -30.42 8.17
CA GLY F 79 -8.44 -30.46 9.25
C GLY F 79 -8.90 -31.36 10.35
N SER F 80 -8.02 -31.51 11.33
CA SER F 80 -8.41 -32.06 12.61
C SER F 80 -7.46 -31.54 13.66
N LEU F 81 -8.00 -31.20 14.82
CA LEU F 81 -7.20 -30.68 15.91
C LEU F 81 -6.88 -31.81 16.85
N THR F 82 -5.62 -31.87 17.27
CA THR F 82 -5.13 -33.00 18.08
C THR F 82 -5.52 -32.84 19.56
N ASN F 83 -5.65 -31.60 20.01
CA ASN F 83 -6.28 -31.25 21.28
C ASN F 83 -7.65 -30.57 21.02
N PRO F 84 -8.62 -30.75 21.94
CA PRO F 84 -9.91 -30.04 21.79
C PRO F 84 -9.79 -28.51 22.01
N SER F 85 -9.91 -27.74 20.92
CA SER F 85 -9.70 -26.27 20.97
C SER F 85 -10.78 -25.53 21.75
N THR F 86 -10.32 -24.73 22.71
CA THR F 86 -11.19 -23.95 23.59
C THR F 86 -11.35 -22.53 23.03
N GLY F 87 -12.17 -22.40 21.99
CA GLY F 87 -12.31 -21.14 21.26
C GLY F 87 -13.11 -21.34 19.99
N GLN F 88 -14.05 -20.44 19.73
CA GLN F 88 -15.01 -20.60 18.63
C GLN F 88 -14.41 -20.38 17.25
N THR F 89 -13.40 -19.51 17.16
CA THR F 89 -12.75 -19.25 15.87
C THR F 89 -11.51 -20.13 15.72
N LEU F 90 -11.03 -20.20 14.49
CA LEU F 90 -9.83 -20.96 14.17
C LEU F 90 -9.28 -20.34 12.91
N GLY F 91 -7.98 -20.10 12.90
CA GLY F 91 -7.39 -19.23 11.91
C GLY F 91 -6.09 -19.72 11.32
N MET F 92 -5.74 -19.10 10.20
CA MET F 92 -4.84 -19.66 9.25
C MET F 92 -4.45 -18.53 8.25
N ASN F 93 -3.21 -18.06 8.37
CA ASN F 93 -2.74 -16.87 7.65
C ASN F 93 -1.65 -17.15 6.62
N LEU F 94 -1.80 -16.57 5.43
CA LEU F 94 -0.78 -16.67 4.40
C LEU F 94 -0.09 -15.33 4.22
N TYR F 95 1.24 -15.36 4.22
CA TYR F 95 2.06 -14.17 4.00
C TYR F 95 2.94 -14.39 2.78
N PHE F 96 3.06 -13.38 1.91
CA PHE F 96 3.80 -13.53 0.66
C PHE F 96 4.88 -12.48 0.49
N ASP F 97 5.92 -12.84 -0.24
CA ASP F 97 6.97 -11.89 -0.62
C ASP F 97 6.58 -11.15 -1.89
N ALA F 98 7.49 -10.29 -2.37
CA ALA F 98 7.29 -9.49 -3.59
C ALA F 98 6.80 -10.34 -4.77
N ASP F 99 7.31 -11.56 -4.87
CA ASP F 99 7.03 -12.45 -5.99
C ASP F 99 5.88 -13.40 -5.74
N GLY F 100 5.26 -13.31 -4.57
CA GLY F 100 4.13 -14.16 -4.24
C GLY F 100 4.45 -15.55 -3.70
N ASN F 101 5.71 -15.81 -3.33
CA ASN F 101 6.06 -17.03 -2.61
C ASN F 101 5.58 -16.90 -1.17
N VAL F 102 5.23 -18.02 -0.52
CA VAL F 102 4.80 -17.95 0.88
C VAL F 102 5.98 -17.87 1.83
N LEU F 103 5.93 -16.90 2.73
CA LEU F 103 6.94 -16.76 3.76
C LEU F 103 6.75 -17.89 4.76
N SER F 104 7.85 -18.27 5.42
CA SER F 104 7.85 -19.43 6.32
C SER F 104 6.88 -19.29 7.49
N GLU F 105 6.69 -18.08 8.00
CA GLU F 105 5.81 -17.90 9.17
C GLU F 105 4.32 -18.08 8.84
N SER F 106 3.98 -18.20 7.56
CA SER F 106 2.62 -18.61 7.18
C SER F 106 2.25 -19.95 7.85
N ASN F 107 0.96 -20.18 8.01
CA ASN F 107 0.44 -21.47 8.47
C ASN F 107 0.60 -22.56 7.41
N LEU F 108 0.90 -22.16 6.17
CA LEU F 108 1.12 -23.10 5.06
C LEU F 108 2.59 -23.47 4.99
N VAL F 109 2.88 -24.78 4.89
CA VAL F 109 4.25 -25.24 4.66
C VAL F 109 4.64 -24.80 3.25
N ARG F 110 5.82 -24.22 3.12
CA ARG F 110 6.18 -23.52 1.85
C ARG F 110 6.49 -24.52 0.72
N GLY F 111 6.92 -25.72 1.09
CA GLY F 111 6.91 -26.84 0.15
C GLY F 111 5.60 -27.02 -0.64
N SER F 112 4.46 -26.49 -0.15
CA SER F 112 3.17 -26.73 -0.81
C SER F 112 2.51 -25.52 -1.48
N TRP F 113 3.31 -24.70 -2.15
CA TRP F 113 2.79 -23.53 -2.85
C TRP F 113 3.67 -23.20 -4.03
N GLY F 114 3.06 -23.14 -5.21
CA GLY F 114 3.82 -22.89 -6.44
C GLY F 114 2.94 -22.63 -7.64
N MET F 115 3.56 -22.58 -8.81
CA MET F 115 2.85 -22.30 -10.05
C MET F 115 2.23 -23.57 -10.56
N LYS F 116 1.11 -23.46 -11.26
CA LYS F 116 0.53 -24.62 -11.92
C LYS F 116 1.34 -24.98 -13.15
N ASP F 117 1.67 -26.27 -13.28
CA ASP F 117 2.08 -26.82 -14.56
C ASP F 117 1.39 -28.18 -14.69
N GLN F 118 0.27 -28.21 -15.41
CA GLN F 118 -0.62 -29.38 -15.47
C GLN F 118 -1.12 -29.71 -14.06
N ASP F 119 -0.77 -30.88 -13.53
CA ASP F 119 -1.23 -31.29 -12.20
C ASP F 119 -0.16 -31.08 -11.11
N THR F 120 0.86 -30.27 -11.39
CA THR F 120 2.03 -30.13 -10.51
C THR F 120 2.27 -28.71 -10.00
N LEU F 121 3.18 -28.59 -9.03
CA LEU F 121 3.69 -27.30 -8.54
C LEU F 121 5.05 -27.06 -9.14
N VAL F 122 5.33 -25.82 -9.53
CA VAL F 122 6.68 -25.42 -9.90
C VAL F 122 7.14 -24.44 -8.83
N THR F 123 8.35 -24.68 -8.30
CA THR F 123 8.72 -24.17 -6.98
C THR F 123 9.18 -22.72 -6.94
N PRO F 124 10.15 -22.33 -7.81
CA PRO F 124 10.44 -20.88 -7.79
C PRO F 124 9.29 -20.09 -8.48
N ILE F 125 8.47 -19.37 -7.72
CA ILE F 125 7.40 -18.59 -8.35
C ILE F 125 7.97 -17.34 -9.06
N ALA F 126 7.50 -17.13 -10.28
CA ALA F 126 7.87 -15.95 -11.08
C ALA F 126 6.60 -15.23 -11.54
N ASN F 127 6.60 -13.92 -11.41
CA ASN F 127 5.44 -13.10 -11.79
C ASN F 127 4.20 -13.52 -11.02
N GLY F 128 4.37 -13.74 -9.73
CA GLY F 128 3.28 -14.12 -8.84
C GLY F 128 2.55 -12.90 -8.30
N GLN F 129 3.19 -11.75 -8.32
CA GLN F 129 2.53 -10.53 -7.83
C GLN F 129 1.13 -10.32 -8.43
N TYR F 130 0.94 -10.75 -9.67
CA TYR F 130 -0.31 -10.51 -10.38
C TYR F 130 -1.50 -11.17 -9.73
N LEU F 131 -1.27 -12.19 -8.90
CA LEU F 131 -2.38 -12.88 -8.24
C LEU F 131 -2.58 -12.43 -6.80
N MET F 132 -1.75 -11.50 -6.34
CA MET F 132 -1.85 -10.97 -4.99
C MET F 132 -2.92 -9.88 -4.95
N PRO F 133 -3.50 -9.62 -3.77
CA PRO F 133 -4.49 -8.55 -3.63
C PRO F 133 -3.91 -7.17 -3.93
N ASN F 134 -4.65 -6.39 -4.71
CA ASN F 134 -4.24 -5.04 -5.07
C ASN F 134 -3.92 -4.21 -3.82
N LEU F 135 -2.75 -3.60 -3.80
CA LEU F 135 -2.29 -2.84 -2.63
C LEU F 135 -2.92 -1.45 -2.51
N THR F 136 -3.57 -0.96 -3.57
CA THR F 136 -4.25 0.33 -3.51
C THR F 136 -5.67 0.15 -3.03
N ALA F 137 -6.29 -0.91 -3.57
CA ALA F 137 -7.64 -1.33 -3.20
C ALA F 137 -7.71 -1.89 -1.78
N TYR F 138 -6.66 -2.60 -1.39
CA TYR F 138 -6.66 -3.30 -0.12
C TYR F 138 -5.34 -2.96 0.57
N PRO F 139 -5.25 -1.74 1.14
CA PRO F 139 -4.04 -1.23 1.79
C PRO F 139 -3.48 -2.11 2.88
N ARG F 140 -2.15 -2.23 2.90
CA ARG F 140 -1.46 -3.04 3.89
C ARG F 140 -1.81 -2.63 5.30
N LEU F 141 -2.04 -3.65 6.13
CA LEU F 141 -2.17 -3.48 7.57
C LEU F 141 -3.39 -2.69 8.03
N ILE F 142 -4.25 -2.25 7.11
CA ILE F 142 -5.43 -1.50 7.52
C ILE F 142 -6.62 -2.46 7.63
N GLN F 143 -7.13 -2.57 8.85
CA GLN F 143 -8.07 -3.62 9.22
C GLN F 143 -9.47 -3.12 9.41
N THR F 144 -9.63 -1.80 9.40
CA THR F 144 -10.90 -1.18 9.72
C THR F 144 -11.65 -0.80 8.45
N LEU F 145 -11.27 -1.37 7.31
CA LEU F 145 -11.96 -1.10 6.07
C LEU F 145 -12.65 -2.37 5.63
N THR F 146 -13.98 -2.36 5.66
CA THR F 146 -14.77 -3.55 5.28
C THR F 146 -14.54 -3.96 3.84
N SER F 147 -14.32 -2.95 3.00
CA SER F 147 -13.96 -3.16 1.60
C SER F 147 -12.84 -4.19 1.43
N SER F 148 -11.99 -4.37 2.44
CA SER F 148 -10.84 -5.29 2.35
C SER F 148 -11.14 -6.74 2.78
N TYR F 149 -12.39 -7.07 3.05
CA TYR F 149 -12.74 -8.42 3.49
C TYR F 149 -13.73 -9.13 2.58
N ILE F 150 -13.70 -10.45 2.60
CA ILE F 150 -14.70 -11.29 1.95
C ILE F 150 -15.31 -12.23 2.99
N TYR F 151 -16.59 -12.03 3.30
CA TYR F 151 -17.33 -12.94 4.16
C TYR F 151 -18.08 -13.96 3.31
N THR F 152 -17.71 -15.22 3.42
CA THR F 152 -18.39 -16.29 2.72
C THR F 152 -18.75 -17.39 3.72
N GLN F 153 -19.27 -18.50 3.23
CA GLN F 153 -19.52 -19.66 4.10
C GLN F 153 -19.48 -20.99 3.38
N ALA F 154 -18.89 -21.97 4.05
CA ALA F 154 -18.69 -23.30 3.51
C ALA F 154 -19.55 -24.25 4.29
N HIS F 155 -19.87 -25.39 3.71
CA HIS F 155 -20.61 -26.43 4.40
C HIS F 155 -19.69 -27.48 4.95
N LEU F 156 -20.06 -28.06 6.09
CA LEU F 156 -19.27 -29.10 6.71
C LEU F 156 -19.82 -30.48 6.39
N ASP F 157 -18.90 -31.42 6.18
CA ASP F 157 -19.19 -32.83 5.85
C ASP F 157 -20.42 -33.41 6.55
N HIS F 158 -20.50 -33.20 7.87
CA HIS F 158 -21.51 -33.86 8.73
C HIS F 158 -22.60 -32.91 9.24
N ASN F 159 -23.84 -33.40 9.13
CA ASN F 159 -25.05 -32.57 9.07
C ASN F 159 -24.94 -31.58 7.92
N ASN F 160 -25.87 -30.65 7.85
CA ASN F 160 -25.57 -29.40 7.17
C ASN F 160 -25.38 -28.33 8.24
N SER F 161 -24.20 -28.40 8.83
CA SER F 161 -23.66 -27.32 9.63
C SER F 161 -22.89 -26.46 8.65
N VAL F 162 -22.88 -25.16 8.92
CA VAL F 162 -22.18 -24.20 8.10
C VAL F 162 -21.01 -23.66 8.93
N VAL F 163 -19.88 -23.41 8.30
CA VAL F 163 -18.84 -22.62 8.93
C VAL F 163 -18.71 -21.30 8.17
N ASP F 164 -18.69 -20.17 8.89
CA ASP F 164 -18.45 -18.84 8.30
C ASP F 164 -16.96 -18.67 8.07
N ILE F 165 -16.58 -18.21 6.88
CA ILE F 165 -15.19 -17.94 6.57
C ILE F 165 -15.03 -16.47 6.26
N LYS F 166 -14.03 -15.83 6.88
CA LYS F 166 -13.71 -14.43 6.64
C LYS F 166 -12.32 -14.31 6.03
N ILE F 167 -12.26 -14.01 4.73
CA ILE F 167 -11.00 -13.76 4.03
C ILE F 167 -10.59 -12.31 4.20
N GLY F 168 -9.33 -12.09 4.56
CA GLY F 168 -8.82 -10.76 4.83
C GLY F 168 -7.71 -10.42 3.87
N LEU F 169 -7.97 -9.44 3.00
CA LEU F 169 -7.03 -9.04 1.95
C LEU F 169 -6.03 -7.99 2.43
N ASN F 170 -4.79 -8.42 2.64
CA ASN F 170 -3.67 -7.55 3.05
C ASN F 170 -3.86 -6.92 4.42
N THR F 171 -4.75 -7.51 5.21
CA THR F 171 -5.16 -6.94 6.47
C THR F 171 -4.28 -7.46 7.61
N ASP F 172 -3.96 -8.74 7.57
CA ASP F 172 -3.11 -9.37 8.57
C ASP F 172 -1.79 -9.74 7.93
N LEU F 173 -0.71 -9.25 8.50
CA LEU F 173 0.55 -9.20 7.82
C LEU F 173 1.71 -9.18 8.79
N ARG F 174 2.89 -9.53 8.29
CA ARG F 174 4.12 -9.47 9.08
C ARG F 174 5.03 -8.42 8.46
N PRO F 175 5.92 -7.83 9.26
CA PRO F 175 6.77 -6.77 8.73
C PRO F 175 7.44 -7.11 7.40
N THR F 176 7.84 -8.37 7.23
CA THR F 176 8.47 -8.84 6.00
C THR F 176 7.53 -9.10 4.81
N ALA F 177 6.25 -9.30 5.08
CA ALA F 177 5.34 -9.70 4.03
C ALA F 177 4.96 -8.52 3.15
N ALA F 178 4.98 -8.75 1.84
CA ALA F 178 4.57 -7.73 0.88
C ALA F 178 3.04 -7.72 0.80
N TYR F 179 2.44 -8.90 0.70
CA TYR F 179 0.99 -9.05 0.62
C TYR F 179 0.54 -10.13 1.57
N GLY F 180 -0.73 -10.08 1.96
CA GLY F 180 -1.32 -11.09 2.84
C GLY F 180 -2.69 -11.57 2.40
N LEU F 181 -3.04 -12.77 2.86
CA LEU F 181 -4.34 -13.38 2.60
C LEU F 181 -4.64 -14.22 3.82
N SER F 182 -5.57 -13.74 4.66
CA SER F 182 -5.85 -14.37 5.96
C SER F 182 -7.24 -14.99 6.00
N PHE F 183 -7.32 -16.22 6.51
CA PHE F 183 -8.59 -16.95 6.58
C PHE F 183 -8.99 -17.24 8.02
N THR F 184 -10.21 -16.85 8.38
CA THR F 184 -10.69 -17.04 9.73
C THR F 184 -12.04 -17.72 9.74
N MET F 185 -12.09 -18.86 10.40
CA MET F 185 -13.27 -19.66 10.39
C MET F 185 -13.94 -19.64 11.73
N THR F 186 -15.21 -19.24 11.75
CA THR F 186 -15.99 -19.20 12.97
C THR F 186 -17.07 -20.28 12.94
N PHE F 187 -16.99 -21.21 13.89
CA PHE F 187 -17.94 -22.31 13.95
C PHE F 187 -19.16 -21.89 14.74
N THR F 188 -20.25 -22.62 14.53
CA THR F 188 -21.54 -22.27 15.12
C THR F 188 -21.51 -22.40 16.64
N ASN F 189 -20.67 -23.29 17.18
CA ASN F 189 -20.24 -23.19 18.59
C ASN F 189 -18.74 -23.50 18.76
N SER F 190 -18.37 -24.72 19.15
CA SER F 190 -16.97 -25.09 19.27
C SER F 190 -16.55 -25.85 18.01
N PRO F 191 -15.29 -25.68 17.57
CA PRO F 191 -14.83 -26.48 16.43
C PRO F 191 -14.89 -27.96 16.73
N PRO F 192 -15.25 -28.78 15.74
CA PRO F 192 -15.16 -30.21 15.97
C PRO F 192 -13.72 -30.66 15.86
N THR F 193 -13.43 -31.84 16.41
CA THR F 193 -12.08 -32.40 16.31
C THR F 193 -11.69 -32.60 14.84
N SER F 194 -12.62 -33.06 14.00
CA SER F 194 -12.38 -33.24 12.57
C SER F 194 -13.47 -32.57 11.75
N PHE F 195 -13.11 -32.14 10.53
CA PHE F 195 -14.05 -31.48 9.61
C PHE F 195 -13.46 -31.36 8.22
N GLY F 196 -14.31 -31.56 7.20
CA GLY F 196 -13.99 -31.25 5.82
C GLY F 196 -15.02 -30.26 5.29
N THR F 197 -14.59 -29.26 4.54
CA THR F 197 -15.52 -28.32 3.89
C THR F 197 -15.68 -28.68 2.41
N ASP F 198 -16.72 -28.10 1.82
CA ASP F 198 -16.95 -28.16 0.39
C ASP F 198 -16.07 -27.13 -0.31
N LEU F 199 -16.28 -26.98 -1.61
CA LEU F 199 -15.48 -26.08 -2.41
C LEU F 199 -16.18 -24.73 -2.42
N VAL F 200 -15.41 -23.71 -2.08
CA VAL F 200 -15.90 -22.36 -1.87
C VAL F 200 -15.08 -21.46 -2.78
N GLN F 201 -15.74 -20.49 -3.39
CA GLN F 201 -15.06 -19.60 -4.33
C GLN F 201 -15.09 -18.17 -3.88
N PHE F 202 -14.22 -17.35 -4.46
CA PHE F 202 -14.19 -15.92 -4.18
C PHE F 202 -13.34 -15.15 -5.20
N GLY F 203 -13.71 -13.90 -5.46
CA GLY F 203 -12.98 -13.05 -6.38
C GLY F 203 -12.46 -11.82 -5.67
N TYR F 204 -11.29 -11.33 -6.11
CA TYR F 204 -10.79 -10.00 -5.71
C TYR F 204 -9.90 -9.38 -6.80
N LEU F 205 -9.56 -8.11 -6.60
CA LEU F 205 -8.75 -7.33 -7.55
C LEU F 205 -7.24 -7.63 -7.46
N GLY F 206 -6.66 -8.06 -8.57
CA GLY F 206 -5.22 -8.35 -8.63
C GLY F 206 -4.32 -7.12 -8.67
N GLN F 207 -3.08 -7.29 -8.20
CA GLN F 207 -2.08 -6.25 -8.18
C GLN F 207 -1.49 -6.12 -9.57
N ASP F 208 -1.21 -4.87 -9.97
CA ASP F 208 -0.83 -4.49 -11.34
C ASP F 208 -1.98 -4.74 -12.32
#